data_2W03
#
_entry.id   2W03
#
_cell.length_a   57.650
_cell.length_b   69.140
_cell.length_c   94.190
_cell.angle_alpha   95.43
_cell.angle_beta   101.45
_cell.angle_gamma   95.06
#
_symmetry.space_group_name_H-M   'P 1'
#
loop_
_entity.id
_entity.type
_entity.pdbx_description
1 polymer ACSD
2 non-polymer ADENOSINE
3 non-polymer 'SULFATE ION'
4 non-polymer 'CITRIC ACID'
5 water water
#
_entity_poly.entity_id   1
_entity_poly.type   'polypeptide(L)'
_entity_poly.pdbx_seq_one_letter_code
;MNNRNHDVLSRMISEKAALHGLLNCLIKEFAIPEGYLRYEWPDEMKGIPPGAYFDGADWKGIPMMIGLPDQLQLFVMVDR
RDTFGSQHYLSDVYLRQAQGDWQCPDFEPLVARLLAACEHIAGRKNPELYEQILQSQRLVSAIVSHNGRQRADAPLQHYL
QSEQGLWFGHPSHPAPKARLWPAHLGQEQWAPEFQARAALHQFEVPVDGLHIGANGLTPQQVLDGFADQQPASPGHAIIC
MHPVQAQLFMQDARVQQLLRDNVIRDLGQSGRVASPTASIRTWFIDDHDYFIKGSLNVRITNCVRKNAWYELESTVLIDR
LFRQLLDQHADTLGGLVAAAEPGVVSWSPAAAGELDSHWFREQTGGILRENFCRRTGAERSIMAGTLFARGVDLQPMIQT
FLRTHYGEALDDNALLYWFDDYQTRLLRPVLSLFFNHGVVMEPHLQNSVLVHQQGRPQQVLLRDFEGVKLTDDLGIRYID
DDIHPRVRQSLLYSREQGWNRIMYCLFINHLSETILALSQGRPQLAPLMWRRVQQQLRAIQGELKQPSPELDALIAGHPV
ACKTNLKVRLAAEADRQASYVRLPSPWGHAVQHGSEVQHDERRHGDVRHEEARHGEVQHG
;
_entity_poly.pdbx_strand_id   A,B
#
# COMPACT_ATOMS: atom_id res chain seq x y z
N ASP A 7 -17.44 9.66 7.06
CA ASP A 7 -17.60 10.79 8.03
C ASP A 7 -16.59 10.90 9.17
N VAL A 8 -16.10 9.77 9.70
CA VAL A 8 -14.92 9.74 10.55
C VAL A 8 -13.75 9.59 9.61
N LEU A 9 -13.99 8.76 8.60
CA LEU A 9 -13.10 8.63 7.49
C LEU A 9 -12.91 10.02 6.88
N SER A 10 -13.99 10.77 6.72
CA SER A 10 -13.93 12.11 6.15
C SER A 10 -12.94 12.94 6.93
N ARG A 11 -13.24 13.12 8.23
CA ARG A 11 -12.36 13.80 9.22
C ARG A 11 -10.88 13.41 9.04
N MET A 12 -10.62 12.11 8.87
CA MET A 12 -9.26 11.60 8.77
C MET A 12 -8.56 11.89 7.45
N ILE A 13 -9.35 12.07 6.41
CA ILE A 13 -8.81 12.45 5.12
C ILE A 13 -8.41 13.93 5.22
N SER A 14 -9.31 14.73 5.78
CA SER A 14 -9.04 16.17 5.90
C SER A 14 -7.80 16.47 6.71
N GLU A 15 -7.53 15.67 7.73
CA GLU A 15 -6.35 15.88 8.57
C GLU A 15 -5.10 15.54 7.77
N LYS A 16 -5.16 14.47 6.96
CA LYS A 16 -3.97 14.02 6.22
C LYS A 16 -3.63 15.05 5.19
N ALA A 17 -4.65 15.66 4.60
CA ALA A 17 -4.41 16.73 3.63
C ALA A 17 -3.88 17.99 4.34
N ALA A 18 -4.65 18.55 5.26
CA ALA A 18 -4.21 19.67 6.07
C ALA A 18 -2.80 19.41 6.68
N LEU A 19 -2.50 18.17 7.08
CA LEU A 19 -1.21 17.91 7.66
C LEU A 19 -0.09 17.96 6.62
N HIS A 20 -0.37 17.38 5.45
CA HIS A 20 0.62 17.39 4.38
C HIS A 20 0.81 18.78 3.86
N GLY A 21 -0.25 19.56 3.88
CA GLY A 21 -0.17 20.92 3.41
C GLY A 21 0.83 21.66 4.26
N LEU A 22 0.65 21.50 5.58
CA LEU A 22 1.47 22.17 6.58
C LEU A 22 2.92 21.66 6.50
N LEU A 23 3.12 20.35 6.28
CA LEU A 23 4.49 19.86 6.14
C LEU A 23 5.18 20.64 5.04
N ASN A 24 4.51 20.78 3.90
CA ASN A 24 5.00 21.58 2.78
C ASN A 24 5.47 22.96 3.18
N CYS A 25 4.74 23.65 4.05
CA CYS A 25 5.21 24.96 4.43
C CYS A 25 6.49 24.79 5.21
N LEU A 26 6.39 24.16 6.37
CA LEU A 26 7.53 23.81 7.21
C LEU A 26 8.82 23.46 6.47
N ILE A 27 8.70 22.59 5.47
CA ILE A 27 9.85 22.11 4.70
C ILE A 27 10.42 23.24 3.85
N LYS A 28 9.57 23.80 3.00
CA LYS A 28 9.99 24.75 2.01
C LYS A 28 10.41 26.03 2.70
N GLU A 29 9.69 26.44 3.73
CA GLU A 29 9.95 27.76 4.29
C GLU A 29 10.99 27.80 5.42
N PHE A 30 11.30 26.66 6.03
CA PHE A 30 12.27 26.63 7.11
C PHE A 30 13.36 25.58 6.98
N ALA A 31 12.94 24.32 6.89
CA ALA A 31 13.86 23.18 6.95
C ALA A 31 14.87 23.19 5.80
N ILE A 32 14.43 23.42 4.57
CA ILE A 32 15.35 23.38 3.43
C ILE A 32 16.24 24.63 3.40
N PRO A 33 15.64 25.81 3.54
CA PRO A 33 16.47 27.03 3.53
C PRO A 33 17.39 27.17 4.75
N GLU A 34 16.91 26.86 5.95
CA GLU A 34 17.75 26.97 7.12
C GLU A 34 18.50 25.69 7.47
N GLY A 35 18.38 24.67 6.62
CA GLY A 35 19.18 23.43 6.73
C GLY A 35 18.88 22.45 7.88
N TYR A 36 17.62 22.33 8.28
CA TYR A 36 17.24 21.49 9.43
C TYR A 36 16.79 20.11 8.99
N LEU A 37 17.05 19.80 7.73
CA LEU A 37 16.50 18.59 7.10
C LEU A 37 17.55 17.56 6.67
N ARG A 38 17.36 16.29 7.03
CA ARG A 38 18.30 15.23 6.66
C ARG A 38 17.52 14.04 6.17
N TYR A 39 17.95 13.43 5.05
CA TYR A 39 17.40 12.15 4.60
C TYR A 39 18.16 10.96 5.20
N GLU A 40 17.78 10.58 6.42
CA GLU A 40 18.48 9.56 7.21
C GLU A 40 17.56 8.92 8.26
N TRP A 41 17.88 7.68 8.65
CA TRP A 41 17.18 6.95 9.69
C TRP A 41 17.61 7.50 11.02
N PRO A 42 16.72 7.52 12.01
CA PRO A 42 17.11 7.85 13.39
C PRO A 42 17.89 6.74 14.09
N ASP A 43 18.58 7.09 15.17
CA ASP A 43 19.37 6.12 15.93
C ASP A 43 18.45 5.14 16.63
N GLU A 44 17.55 5.66 17.46
CA GLU A 44 16.53 4.87 18.11
C GLU A 44 15.30 4.92 17.23
N MET A 45 14.64 3.79 17.07
CA MET A 45 13.37 3.79 16.39
C MET A 45 12.22 3.61 17.37
N LYS A 46 12.53 3.32 18.63
CA LYS A 46 11.53 3.00 19.66
C LYS A 46 10.36 3.97 19.57
N GLY A 47 9.16 3.42 19.37
CA GLY A 47 7.96 4.27 19.22
C GLY A 47 7.45 4.33 17.79
N ILE A 48 8.35 4.24 16.82
CA ILE A 48 7.93 4.13 15.44
C ILE A 48 7.67 2.64 15.14
N PRO A 49 6.42 2.29 14.80
CA PRO A 49 6.02 0.92 14.57
C PRO A 49 6.52 0.46 13.21
N PRO A 50 7.05 -0.76 13.12
CA PRO A 50 7.54 -1.23 11.85
C PRO A 50 6.67 -0.76 10.66
N GLY A 51 5.36 -0.95 10.79
CA GLY A 51 4.39 -0.63 9.74
C GLY A 51 4.48 0.78 9.18
N ALA A 52 5.03 1.69 9.97
CA ALA A 52 5.15 3.06 9.52
C ALA A 52 6.17 3.21 8.43
N TYR A 53 7.25 2.42 8.47
CA TYR A 53 8.33 2.56 7.51
C TYR A 53 8.69 1.27 6.72
N PHE A 54 8.15 0.14 7.15
CA PHE A 54 8.39 -1.10 6.42
C PHE A 54 7.02 -1.60 5.98
N ASP A 55 6.95 -2.13 4.77
CA ASP A 55 5.63 -2.53 4.26
C ASP A 55 5.55 -4.01 3.86
N GLY A 56 6.45 -4.84 4.38
CA GLY A 56 6.39 -6.28 4.17
C GLY A 56 7.52 -6.68 3.26
N ALA A 57 7.68 -5.90 2.19
CA ALA A 57 8.68 -6.15 1.15
C ALA A 57 9.95 -5.31 1.39
N ASP A 58 9.74 -4.01 1.56
CA ASP A 58 10.79 -3.03 1.41
C ASP A 58 10.44 -1.88 2.34
N TRP A 59 11.27 -0.85 2.39
CA TRP A 59 10.92 0.34 3.13
C TRP A 59 9.88 1.09 2.36
N LYS A 60 9.14 1.94 3.06
CA LYS A 60 8.10 2.74 2.47
C LYS A 60 8.68 4.00 1.85
N GLY A 61 9.85 3.90 1.23
CA GLY A 61 10.50 5.09 0.68
C GLY A 61 11.73 5.57 1.43
N ILE A 62 11.85 6.87 1.64
CA ILE A 62 13.08 7.41 2.22
C ILE A 62 12.79 8.09 3.53
N PRO A 63 13.61 7.80 4.56
CA PRO A 63 13.46 8.44 5.86
C PRO A 63 13.75 9.91 5.76
N MET A 64 12.83 10.74 6.25
CA MET A 64 13.09 12.17 6.34
C MET A 64 13.05 12.69 7.78
N MET A 65 14.10 13.42 8.14
CA MET A 65 14.30 13.89 9.52
C MET A 65 14.54 15.38 9.60
N ILE A 66 13.85 16.02 10.52
CA ILE A 66 14.02 17.44 10.79
C ILE A 66 14.45 17.68 12.23
N GLY A 67 15.56 18.40 12.36
CA GLY A 67 16.00 18.93 13.64
C GLY A 67 15.39 20.31 13.88
N LEU A 68 14.22 20.34 14.50
CA LEU A 68 13.63 21.59 14.86
C LEU A 68 14.31 22.06 16.14
N PRO A 69 14.99 23.24 16.10
CA PRO A 69 16.16 23.57 16.94
C PRO A 69 15.75 23.90 18.38
N ASP A 70 14.97 22.99 18.99
CA ASP A 70 14.47 23.14 20.34
C ASP A 70 14.32 21.79 21.04
N GLN A 71 15.25 20.88 20.76
CA GLN A 71 15.25 19.51 21.30
C GLN A 71 14.19 18.62 20.64
N LEU A 72 13.41 19.22 19.74
CA LEU A 72 12.36 18.52 19.03
C LEU A 72 12.84 18.01 17.67
N GLN A 73 12.50 16.76 17.42
CA GLN A 73 12.90 16.00 16.26
C GLN A 73 11.64 15.55 15.53
N LEU A 74 11.66 15.57 14.18
CA LEU A 74 10.53 15.07 13.35
C LEU A 74 10.92 13.98 12.34
N PHE A 75 10.18 12.86 12.36
CA PHE A 75 10.40 11.80 11.38
C PHE A 75 9.21 11.59 10.38
N VAL A 76 9.51 11.47 9.10
CA VAL A 76 8.45 11.14 8.12
C VAL A 76 8.99 10.43 6.88
N MET A 77 8.29 9.40 6.46
CA MET A 77 8.75 8.73 5.27
C MET A 77 8.23 9.48 4.05
N VAL A 78 9.17 9.94 3.24
CA VAL A 78 8.85 10.55 1.98
C VAL A 78 9.13 9.60 0.78
N ASP A 79 8.51 9.89 -0.35
CA ASP A 79 8.68 9.03 -1.51
C ASP A 79 9.78 9.49 -2.46
N ARG A 80 10.62 10.42 -1.99
CA ARG A 80 11.62 11.03 -2.87
C ARG A 80 12.38 12.18 -2.22
N ARG A 81 13.61 12.35 -2.69
CA ARG A 81 14.46 13.46 -2.30
C ARG A 81 14.05 14.62 -3.19
N ASP A 82 13.86 15.79 -2.61
CA ASP A 82 13.45 16.92 -3.43
C ASP A 82 13.87 18.28 -2.91
N THR A 83 14.64 18.96 -3.75
CA THR A 83 15.20 20.30 -3.54
C THR A 83 14.12 21.39 -3.34
N PHE A 84 12.96 21.20 -3.97
CA PHE A 84 11.78 22.07 -3.77
C PHE A 84 10.84 21.63 -2.65
N GLY A 85 11.12 20.51 -1.99
CA GLY A 85 10.19 19.99 -1.00
C GLY A 85 9.00 19.26 -1.58
N SER A 86 8.87 19.22 -2.90
CA SER A 86 7.73 18.52 -3.52
C SER A 86 7.88 17.01 -3.43
N GLN A 87 7.29 16.41 -2.41
CA GLN A 87 7.29 14.97 -2.29
C GLN A 87 5.97 14.50 -1.70
N HIS A 88 5.77 13.18 -1.72
CA HIS A 88 4.62 12.54 -1.12
C HIS A 88 5.03 12.00 0.24
N TYR A 89 4.19 12.19 1.24
CA TYR A 89 4.47 11.67 2.57
C TYR A 89 3.84 10.31 2.73
N LEU A 90 4.67 9.30 2.98
CA LEU A 90 4.18 7.94 3.01
C LEU A 90 4.07 7.30 4.41
N SER A 91 4.08 8.13 5.45
CA SER A 91 3.79 7.62 6.75
C SER A 91 3.18 8.75 7.52
N ASP A 92 2.71 8.44 8.72
CA ASP A 92 2.33 9.45 9.68
C ASP A 92 3.59 10.20 10.10
N VAL A 93 3.39 11.26 10.88
CA VAL A 93 4.48 12.06 11.43
C VAL A 93 4.78 11.67 12.88
N TYR A 94 6.06 11.55 13.18
CA TYR A 94 6.48 11.18 14.51
C TYR A 94 7.43 12.23 15.07
N LEU A 95 7.41 12.42 16.39
CA LEU A 95 8.22 13.45 17.05
C LEU A 95 8.91 12.96 18.32
N ARG A 96 10.02 13.60 18.70
CA ARG A 96 10.79 13.25 19.90
C ARG A 96 11.16 14.46 20.78
N GLN A 97 11.68 14.20 21.98
CA GLN A 97 12.11 15.25 22.94
C GLN A 97 13.44 14.92 23.63
N ALA A 98 13.53 13.71 24.19
CA ALA A 98 14.43 13.39 25.31
C ALA A 98 15.90 13.18 25.01
N GLY A 100 14.65 10.69 23.11
CA GLY A 100 13.35 10.40 23.71
C GLY A 100 12.68 9.24 23.00
N ASP A 101 11.36 9.14 23.18
CA ASP A 101 10.60 8.15 22.43
C ASP A 101 9.77 8.82 21.38
N TRP A 102 9.79 8.24 20.17
CA TRP A 102 8.95 8.72 19.09
C TRP A 102 7.49 8.47 19.43
N GLN A 103 6.63 9.38 18.96
CA GLN A 103 5.22 9.41 19.32
C GLN A 103 4.50 9.91 18.11
N CYS A 104 3.24 9.56 18.00
CA CYS A 104 2.43 10.06 16.91
C CYS A 104 1.13 10.74 17.36
N PRO A 105 1.23 12.01 17.78
CA PRO A 105 0.16 12.79 18.42
C PRO A 105 -1.00 13.01 17.48
N ASP A 106 -2.21 13.23 18.01
CA ASP A 106 -3.37 13.54 17.14
C ASP A 106 -3.11 14.78 16.32
N PHE A 107 -4.05 15.08 15.43
CA PHE A 107 -3.86 16.15 14.49
C PHE A 107 -3.70 17.46 15.20
N GLU A 108 -4.65 17.77 16.08
CA GLU A 108 -4.61 18.99 16.89
C GLU A 108 -3.29 19.19 17.66
N PRO A 109 -2.90 18.27 18.55
CA PRO A 109 -1.58 18.46 19.17
C PRO A 109 -0.41 18.44 18.20
N LEU A 110 -0.54 17.72 17.08
CA LEU A 110 0.47 17.72 16.00
C LEU A 110 0.59 19.09 15.33
N VAL A 111 -0.50 19.84 15.26
CA VAL A 111 -0.43 21.18 14.72
C VAL A 111 0.06 22.12 15.80
N ALA A 112 -0.47 21.95 17.01
CA ALA A 112 -0.06 22.77 18.13
C ALA A 112 1.47 22.87 18.05
N ARG A 113 2.09 21.73 17.76
CA ARG A 113 3.45 21.53 18.16
C ARG A 113 4.41 21.95 17.08
N LEU A 114 4.11 21.53 15.84
CA LEU A 114 4.83 21.95 14.61
C LEU A 114 4.85 23.45 14.55
N LEU A 115 3.65 24.00 14.69
CA LEU A 115 3.46 25.42 14.66
C LEU A 115 4.32 26.02 15.75
N ALA A 116 4.26 25.40 16.92
CA ALA A 116 4.93 25.91 18.09
C ALA A 116 6.40 26.04 17.77
N ALA A 117 6.93 25.07 17.06
CA ALA A 117 8.33 25.12 16.72
C ALA A 117 8.55 26.17 15.65
N CYS A 118 7.71 26.20 14.62
CA CYS A 118 7.81 27.22 13.57
C CYS A 118 7.95 28.62 14.10
N GLU A 119 7.17 28.95 15.13
CA GLU A 119 7.27 30.23 15.85
C GLU A 119 8.63 30.56 16.45
N HIS A 120 9.29 29.59 17.07
CA HIS A 120 10.61 29.86 17.62
C HIS A 120 11.68 30.07 16.56
N ILE A 121 11.54 29.36 15.45
CA ILE A 121 12.38 29.54 14.27
C ILE A 121 12.14 30.90 13.61
N ALA A 122 10.90 31.40 13.67
CA ALA A 122 10.54 32.70 13.08
C ALA A 122 10.50 33.83 14.10
N GLY A 123 10.78 33.51 15.37
CA GLY A 123 10.68 34.48 16.50
C GLY A 123 9.28 35.02 16.78
N ARG A 124 8.36 34.85 15.83
CA ARG A 124 7.04 35.47 15.94
C ARG A 124 5.92 34.45 16.05
N LYS A 125 4.86 34.82 16.78
CA LYS A 125 3.74 33.92 17.09
C LYS A 125 2.43 34.47 16.56
N ASN A 126 1.54 33.57 16.16
CA ASN A 126 0.23 33.97 15.71
C ASN A 126 -0.84 33.00 16.26
N PRO A 127 -1.40 33.32 17.43
CA PRO A 127 -2.54 32.57 17.93
C PRO A 127 -3.76 32.42 17.02
N GLU A 128 -4.10 33.47 16.26
CA GLU A 128 -5.12 33.42 15.19
C GLU A 128 -4.89 32.30 14.14
N LEU A 129 -3.66 32.25 13.61
CA LEU A 129 -3.24 31.23 12.66
C LEU A 129 -3.56 29.83 13.10
N TYR A 130 -3.24 29.51 14.34
CA TYR A 130 -3.61 28.24 14.92
C TYR A 130 -5.10 27.91 14.75
N GLU A 131 -5.96 28.79 15.25
CA GLU A 131 -7.38 28.54 15.27
C GLU A 131 -7.86 28.47 13.83
N GLN A 132 -7.18 29.24 12.98
CA GLN A 132 -7.42 29.19 11.53
C GLN A 132 -7.08 27.82 10.92
N ILE A 133 -5.93 27.24 11.33
CA ILE A 133 -5.54 25.92 10.84
C ILE A 133 -6.60 24.83 11.07
N LEU A 134 -7.10 24.72 12.32
CA LEU A 134 -8.19 23.82 12.64
C LEU A 134 -9.46 24.17 11.90
N GLN A 135 -9.67 25.44 11.58
CA GLN A 135 -10.89 25.83 10.86
C GLN A 135 -10.85 25.33 9.45
N SER A 136 -9.70 25.57 8.84
CA SER A 136 -9.51 25.22 7.46
C SER A 136 -9.65 23.71 7.39
N GLN A 137 -9.16 23.03 8.42
CA GLN A 137 -9.21 21.60 8.44
C GLN A 137 -10.67 21.12 8.63
N ARG A 138 -11.43 21.82 9.46
CA ARG A 138 -12.79 21.36 9.75
C ARG A 138 -13.63 21.51 8.50
N LEU A 139 -13.39 22.60 7.77
CA LEU A 139 -14.18 22.77 6.56
C LEU A 139 -13.82 21.65 5.67
N VAL A 140 -12.52 21.37 5.53
CA VAL A 140 -12.11 20.31 4.61
C VAL A 140 -12.83 19.00 4.87
N SER A 141 -12.96 18.62 6.16
CA SER A 141 -13.82 17.46 6.49
C SER A 141 -15.17 17.59 5.78
N ALA A 142 -16.02 18.51 6.25
CA ALA A 142 -17.30 18.81 5.59
C ALA A 142 -17.24 18.72 4.07
N ILE A 143 -16.20 19.33 3.47
CA ILE A 143 -16.02 19.30 2.01
C ILE A 143 -15.89 17.88 1.49
N VAL A 144 -14.84 17.19 1.92
CA VAL A 144 -14.65 15.76 1.65
C VAL A 144 -15.97 14.96 1.87
N SER A 145 -16.53 15.12 3.05
CA SER A 145 -17.70 14.45 3.51
C SER A 145 -18.86 14.66 2.58
N HIS A 146 -19.00 15.89 2.06
CA HIS A 146 -20.06 16.19 1.11
C HIS A 146 -19.78 15.57 -0.28
N ASN A 147 -18.53 15.54 -0.72
CA ASN A 147 -18.28 15.08 -2.06
C ASN A 147 -17.75 13.64 -2.15
N GLY A 148 -17.65 12.98 -1.00
CA GLY A 148 -16.87 11.75 -0.88
C GLY A 148 -17.46 10.55 -1.58
N ARG A 149 -18.57 10.78 -2.28
CA ARG A 149 -19.30 9.70 -2.94
C ARG A 149 -19.29 9.84 -4.47
N GLN A 150 -18.58 10.84 -4.98
CA GLN A 150 -18.47 11.15 -6.42
C GLN A 150 -17.34 10.35 -7.13
N ARG A 151 -17.44 10.20 -8.46
CA ARG A 151 -16.30 9.66 -9.21
C ARG A 151 -15.06 10.49 -8.88
N ALA A 152 -13.95 9.83 -8.53
CA ALA A 152 -12.77 10.52 -7.98
C ALA A 152 -12.27 11.73 -8.77
N ASP A 153 -12.46 11.70 -10.08
CA ASP A 153 -11.88 12.68 -10.98
C ASP A 153 -12.92 13.56 -11.65
N ALA A 154 -14.19 13.44 -11.24
CA ALA A 154 -15.27 14.25 -11.82
C ALA A 154 -14.91 15.74 -11.95
N PRO A 155 -14.28 16.33 -10.89
CA PRO A 155 -13.80 17.71 -11.01
C PRO A 155 -13.18 18.03 -12.38
N LEU A 156 -12.39 17.12 -12.94
CA LEU A 156 -11.64 17.50 -14.11
C LEU A 156 -12.46 17.50 -15.38
N GLN A 157 -13.67 16.95 -15.28
CA GLN A 157 -14.49 16.72 -16.46
C GLN A 157 -15.09 18.01 -17.07
N HIS A 158 -15.09 19.08 -16.28
CA HIS A 158 -15.87 20.24 -16.62
C HIS A 158 -15.32 21.48 -15.93
N TYR A 159 -15.24 22.60 -16.65
CA TYR A 159 -14.63 23.82 -16.09
C TYR A 159 -15.16 24.21 -14.69
N LEU A 160 -16.46 24.41 -14.57
CA LEU A 160 -16.97 24.94 -13.32
C LEU A 160 -16.68 23.96 -12.19
N GLN A 161 -16.68 22.69 -12.56
CA GLN A 161 -16.61 21.65 -11.56
C GLN A 161 -15.21 21.53 -11.05
N SER A 162 -14.26 21.96 -11.89
CA SER A 162 -12.87 21.96 -11.50
C SER A 162 -12.62 23.19 -10.66
N GLU A 163 -13.33 24.29 -10.96
CA GLU A 163 -13.33 25.42 -10.04
C GLU A 163 -13.91 24.99 -8.71
N GLN A 164 -14.79 23.98 -8.67
CA GLN A 164 -15.38 23.51 -7.40
C GLN A 164 -14.92 22.12 -6.92
N GLY A 165 -13.76 21.66 -7.36
CA GLY A 165 -13.19 20.39 -6.86
C GLY A 165 -11.81 20.64 -6.28
N LEU A 166 -11.54 21.87 -5.87
CA LEU A 166 -10.28 22.16 -5.24
C LEU A 166 -10.48 21.94 -3.72
N TRP A 167 -10.60 20.67 -3.38
CA TRP A 167 -11.15 20.26 -2.11
C TRP A 167 -10.28 20.68 -0.92
N PHE A 168 -9.01 20.95 -1.19
CA PHE A 168 -8.02 21.09 -0.15
C PHE A 168 -7.28 22.42 -0.20
N GLY A 169 -7.53 23.17 -1.27
CA GLY A 169 -7.06 24.54 -1.39
C GLY A 169 -5.61 24.56 -1.81
N HIS A 170 -4.84 25.39 -1.13
CA HIS A 170 -3.43 25.58 -1.44
C HIS A 170 -2.61 24.43 -0.86
N PRO A 171 -2.05 23.62 -1.73
CA PRO A 171 -1.17 22.51 -1.39
C PRO A 171 -0.07 22.87 -0.38
N SER A 172 0.49 24.07 -0.48
CA SER A 172 1.52 24.57 0.48
C SER A 172 1.02 25.83 1.20
N HIS A 173 0.10 25.62 2.13
CA HIS A 173 -0.54 26.70 2.85
C HIS A 173 -1.16 26.17 4.13
N PRO A 174 -0.84 26.78 5.27
CA PRO A 174 -1.32 26.30 6.55
C PRO A 174 -2.85 26.36 6.74
N ALA A 175 -3.49 27.35 6.14
CA ALA A 175 -4.94 27.50 6.32
C ALA A 175 -5.74 27.70 4.99
N PRO A 176 -5.59 26.79 4.01
CA PRO A 176 -6.17 26.97 2.65
C PRO A 176 -7.63 27.36 2.59
N LYS A 177 -8.48 26.64 3.30
CA LYS A 177 -9.90 26.87 3.19
C LYS A 177 -10.50 27.84 4.19
N ALA A 178 -9.69 28.40 5.08
CA ALA A 178 -10.18 29.39 6.08
C ALA A 178 -10.65 30.71 5.46
N ARG A 179 -11.89 31.08 5.78
CA ARG A 179 -12.49 32.27 5.19
C ARG A 179 -13.18 33.09 6.28
N LEU A 180 -12.39 33.87 7.02
CA LEU A 180 -12.90 34.65 8.14
C LEU A 180 -13.80 35.80 7.65
N TRP A 181 -15.05 35.48 7.33
CA TRP A 181 -16.07 36.50 7.30
C TRP A 181 -16.95 36.20 8.50
N PRO A 182 -17.91 37.07 8.78
CA PRO A 182 -18.89 36.86 9.84
C PRO A 182 -19.49 35.45 9.78
N ALA A 183 -19.08 34.59 10.70
CA ALA A 183 -19.64 33.25 10.86
C ALA A 183 -21.19 33.27 10.82
N HIS A 184 -21.78 34.42 11.15
CA HIS A 184 -23.22 34.55 11.17
C HIS A 184 -23.84 34.51 9.77
N LEU A 185 -22.98 34.65 8.74
CA LEU A 185 -23.36 34.50 7.32
C LEU A 185 -23.10 33.10 6.76
N GLY A 186 -22.92 32.13 7.65
CA GLY A 186 -22.64 30.74 7.25
C GLY A 186 -21.24 30.52 6.70
N GLN A 187 -21.06 29.42 5.96
CA GLN A 187 -19.83 29.08 5.24
C GLN A 187 -20.16 28.20 4.03
N GLU A 188 -21.15 27.34 4.20
CA GLU A 188 -21.45 26.30 3.22
C GLU A 188 -22.13 26.85 1.94
N GLN A 189 -22.65 28.07 2.04
CA GLN A 189 -23.46 28.64 0.97
C GLN A 189 -22.67 29.61 0.08
N TRP A 190 -21.42 29.86 0.46
CA TRP A 190 -20.47 30.73 -0.26
C TRP A 190 -19.21 29.98 -0.69
N ALA A 191 -19.25 28.66 -0.49
CA ALA A 191 -18.17 27.78 -0.89
C ALA A 191 -18.44 27.21 -2.28
N PRO A 192 -17.51 27.47 -3.24
CA PRO A 192 -17.55 26.75 -4.50
C PRO A 192 -17.66 25.28 -4.20
N GLU A 193 -16.85 24.82 -3.24
CA GLU A 193 -16.72 23.39 -2.97
C GLU A 193 -18.00 22.66 -2.45
N PHE A 194 -19.02 23.43 -2.11
CA PHE A 194 -20.34 22.88 -1.80
C PHE A 194 -21.35 23.08 -2.94
N GLN A 195 -20.80 23.40 -4.12
CA GLN A 195 -21.56 23.72 -5.32
C GLN A 195 -22.41 24.97 -5.06
N ALA A 196 -21.95 25.84 -4.14
CA ALA A 196 -22.61 27.12 -3.88
C ALA A 196 -23.09 27.90 -5.13
N ARG A 197 -24.30 28.44 -5.03
CA ARG A 197 -24.88 29.29 -6.06
C ARG A 197 -25.63 30.33 -5.31
N ALA A 198 -25.83 31.48 -5.96
CA ALA A 198 -26.51 32.61 -5.32
C ALA A 198 -26.80 33.68 -6.34
N ALA A 199 -27.93 34.35 -6.20
CA ALA A 199 -28.21 35.47 -7.09
C ALA A 199 -27.50 36.64 -6.49
N LEU A 200 -26.75 37.36 -7.30
CA LEU A 200 -25.87 38.40 -6.76
C LEU A 200 -26.66 39.52 -6.14
N HIS A 201 -26.10 40.15 -5.13
CA HIS A 201 -26.73 41.27 -4.46
C HIS A 201 -26.69 42.52 -5.30
N GLN A 202 -27.80 43.24 -5.44
CA GLN A 202 -27.78 44.41 -6.32
C GLN A 202 -28.09 45.74 -5.63
N PHE A 203 -27.86 46.83 -6.31
CA PHE A 203 -28.13 48.17 -5.78
C PHE A 203 -28.56 49.09 -6.96
N GLU A 204 -29.47 50.02 -6.69
CA GLU A 204 -29.87 51.03 -7.68
C GLU A 204 -29.12 52.29 -7.37
N VAL A 205 -28.24 52.71 -8.25
CA VAL A 205 -27.43 53.87 -7.97
C VAL A 205 -27.57 54.90 -9.08
N PRO A 206 -27.37 56.19 -8.76
CA PRO A 206 -27.50 57.16 -9.83
C PRO A 206 -26.25 57.19 -10.68
N VAL A 207 -26.46 57.28 -11.99
CA VAL A 207 -25.38 57.37 -12.99
C VAL A 207 -24.32 58.48 -12.83
N ASP A 208 -24.54 59.47 -11.95
CA ASP A 208 -23.45 60.45 -11.75
C ASP A 208 -22.27 59.98 -10.90
N GLY A 209 -22.38 58.85 -10.19
CA GLY A 209 -21.27 58.33 -9.38
C GLY A 209 -20.51 57.17 -10.01
N LEU A 210 -21.01 56.70 -11.14
CA LEU A 210 -20.41 55.58 -11.82
C LEU A 210 -19.00 55.94 -12.25
N HIS A 211 -18.09 54.98 -12.13
CA HIS A 211 -16.77 55.06 -12.71
C HIS A 211 -16.67 53.81 -13.53
N ILE A 212 -16.69 53.98 -14.86
CA ILE A 212 -16.66 52.87 -15.81
C ILE A 212 -15.38 52.92 -16.58
N GLY A 213 -14.68 51.81 -16.60
CA GLY A 213 -13.54 51.59 -17.49
C GLY A 213 -13.87 50.43 -18.42
N ALA A 214 -13.93 50.71 -19.73
CA ALA A 214 -14.27 49.68 -20.70
C ALA A 214 -13.23 49.71 -21.79
N ASN A 215 -13.04 48.57 -22.44
CA ASN A 215 -12.19 48.47 -23.61
C ASN A 215 -12.83 47.70 -24.73
N GLY A 216 -13.17 48.39 -25.83
CA GLY A 216 -13.92 47.79 -26.95
C GLY A 216 -15.39 47.52 -26.59
N LEU A 217 -15.80 48.09 -25.46
CA LEU A 217 -17.11 47.90 -24.86
C LEU A 217 -17.67 49.25 -24.44
N THR A 218 -18.96 49.47 -24.71
CA THR A 218 -19.62 50.72 -24.29
C THR A 218 -19.86 50.76 -22.79
N PRO A 219 -19.78 51.96 -22.20
CA PRO A 219 -19.97 52.03 -20.77
C PRO A 219 -21.23 51.24 -20.43
N GLN A 220 -22.24 51.43 -21.27
CA GLN A 220 -23.50 50.78 -21.11
C GLN A 220 -23.40 49.25 -21.19
N GLN A 221 -22.55 48.73 -22.07
CA GLN A 221 -22.39 47.26 -22.21
C GLN A 221 -21.69 46.61 -21.03
N VAL A 222 -20.82 47.37 -20.36
CA VAL A 222 -20.14 46.90 -19.14
C VAL A 222 -21.22 46.67 -18.11
N LEU A 223 -22.05 47.68 -17.88
CA LEU A 223 -23.14 47.55 -16.96
C LEU A 223 -23.97 46.32 -17.27
N ASP A 224 -24.42 46.23 -18.53
CA ASP A 224 -25.16 45.08 -19.04
C ASP A 224 -24.49 43.80 -18.54
N GLY A 225 -23.20 43.69 -18.73
CA GLY A 225 -22.47 42.55 -18.23
C GLY A 225 -22.68 42.21 -16.77
N PHE A 226 -22.68 43.21 -15.89
CA PHE A 226 -22.76 42.97 -14.43
C PHE A 226 -24.16 42.72 -13.93
N ALA A 227 -25.09 43.49 -14.46
CA ALA A 227 -26.45 43.40 -14.03
C ALA A 227 -27.39 43.81 -15.14
N ASP A 228 -28.50 43.09 -15.24
CA ASP A 228 -29.59 43.46 -16.15
C ASP A 228 -30.02 44.85 -15.76
N GLN A 229 -29.64 45.80 -16.60
CA GLN A 229 -29.79 47.21 -16.32
C GLN A 229 -31.23 47.73 -16.25
N GLN A 230 -32.20 46.93 -16.72
CA GLN A 230 -33.56 47.41 -16.90
C GLN A 230 -34.20 48.06 -15.64
N PRO A 231 -34.27 47.30 -14.53
CA PRO A 231 -35.01 47.74 -13.34
C PRO A 231 -34.62 49.14 -12.84
N ALA A 232 -33.69 49.81 -13.49
CA ALA A 232 -33.35 51.12 -13.00
C ALA A 232 -34.22 52.20 -13.62
N SER A 233 -34.68 53.08 -12.75
CA SER A 233 -35.31 54.33 -13.12
C SER A 233 -34.27 55.24 -13.73
N PRO A 234 -34.71 56.25 -14.50
CA PRO A 234 -33.74 56.88 -15.39
C PRO A 234 -32.75 57.71 -14.56
N GLY A 235 -31.57 57.93 -15.12
CA GLY A 235 -30.51 58.60 -14.39
C GLY A 235 -29.88 57.69 -13.38
N HIS A 236 -30.35 56.45 -13.32
CA HIS A 236 -29.80 55.46 -12.41
C HIS A 236 -29.31 54.19 -13.09
N ALA A 237 -28.66 53.33 -12.33
CA ALA A 237 -28.04 52.15 -12.89
C ALA A 237 -27.93 51.05 -11.86
N ILE A 238 -27.68 49.83 -12.29
CA ILE A 238 -27.62 48.69 -11.37
C ILE A 238 -26.24 48.04 -11.21
N ILE A 239 -25.63 48.30 -10.06
CA ILE A 239 -24.36 47.67 -9.72
C ILE A 239 -24.71 46.38 -8.97
N CYS A 240 -23.82 45.40 -8.98
CA CYS A 240 -24.00 44.26 -8.07
C CYS A 240 -22.75 43.92 -7.25
N MET A 241 -22.93 43.12 -6.21
CA MET A 241 -21.85 42.77 -5.31
C MET A 241 -22.01 41.37 -4.83
N HIS A 242 -20.95 40.87 -4.20
CA HIS A 242 -21.05 39.68 -3.36
C HIS A 242 -22.07 39.90 -2.24
N PRO A 243 -23.00 38.95 -2.03
CA PRO A 243 -23.99 39.21 -1.02
C PRO A 243 -23.35 39.41 0.35
N VAL A 244 -22.20 38.77 0.58
CA VAL A 244 -21.46 38.97 1.82
C VAL A 244 -20.92 40.41 1.84
N GLN A 245 -20.29 40.81 0.72
CA GLN A 245 -19.81 42.20 0.60
C GLN A 245 -20.98 43.18 0.85
N ALA A 246 -22.18 42.78 0.40
CA ALA A 246 -23.34 43.62 0.52
C ALA A 246 -23.68 43.96 1.98
N GLN A 247 -23.67 42.96 2.87
CA GLN A 247 -23.93 43.18 4.33
C GLN A 247 -22.88 44.10 4.96
N LEU A 248 -21.62 43.76 4.68
CA LEU A 248 -20.48 44.56 5.09
C LEU A 248 -20.70 45.96 4.60
N PHE A 249 -20.69 46.14 3.28
CA PHE A 249 -20.80 47.48 2.73
C PHE A 249 -22.01 48.23 3.30
N MET A 250 -23.03 47.53 3.73
CA MET A 250 -24.18 48.23 4.31
C MET A 250 -24.01 48.60 5.79
N GLN A 251 -22.85 48.30 6.36
CA GLN A 251 -22.55 48.50 7.78
C GLN A 251 -22.03 49.89 7.98
N ASP A 252 -21.56 50.46 6.89
CA ASP A 252 -20.92 51.75 6.99
C ASP A 252 -21.94 52.84 7.15
N ALA A 253 -21.71 53.61 8.22
CA ALA A 253 -22.45 54.83 8.49
C ALA A 253 -22.72 55.55 7.21
N ARG A 254 -21.72 55.57 6.33
CA ARG A 254 -21.83 56.30 5.08
C ARG A 254 -23.01 55.78 4.30
N VAL A 255 -23.07 54.46 4.14
CA VAL A 255 -24.05 53.83 3.24
C VAL A 255 -25.42 53.96 3.84
N GLN A 256 -25.49 53.76 5.14
CA GLN A 256 -26.70 53.92 5.88
C GLN A 256 -27.32 55.22 5.42
N GLN A 257 -26.50 56.26 5.42
CA GLN A 257 -26.98 57.61 5.17
C GLN A 257 -27.61 57.67 3.83
N LEU A 258 -26.87 57.05 2.90
CA LEU A 258 -27.26 56.94 1.51
C LEU A 258 -28.56 56.20 1.33
N LEU A 259 -28.72 55.13 2.09
CA LEU A 259 -29.97 54.38 2.08
C LEU A 259 -31.12 55.17 2.69
N ARG A 260 -30.90 55.76 3.85
CA ARG A 260 -31.94 56.50 4.56
C ARG A 260 -32.38 57.70 3.74
N ASP A 261 -31.58 58.06 2.74
CA ASP A 261 -31.86 59.25 1.94
C ASP A 261 -32.26 58.86 0.54
N ASN A 262 -32.47 57.56 0.37
CA ASN A 262 -32.84 57.04 -0.93
C ASN A 262 -31.96 57.63 -2.01
N VAL A 263 -30.69 57.89 -1.68
CA VAL A 263 -29.72 58.24 -2.73
C VAL A 263 -29.41 56.94 -3.49
N ILE A 264 -29.52 55.81 -2.80
CA ILE A 264 -29.33 54.52 -3.42
C ILE A 264 -30.29 53.54 -2.78
N ARG A 265 -30.76 52.63 -3.61
CA ARG A 265 -31.72 51.64 -3.21
C ARG A 265 -31.03 50.31 -3.03
N ASP A 266 -31.36 49.64 -1.94
CA ASP A 266 -30.89 48.29 -1.77
C ASP A 266 -31.91 47.29 -2.34
N LEU A 267 -31.64 46.80 -3.53
CA LEU A 267 -32.47 45.77 -4.14
C LEU A 267 -32.13 44.46 -3.45
N GLY A 268 -32.74 43.36 -3.87
CA GLY A 268 -32.53 42.14 -3.11
C GLY A 268 -31.15 41.53 -3.26
N GLN A 269 -31.07 40.22 -3.05
CA GLN A 269 -30.12 39.42 -3.79
C GLN A 269 -30.92 39.11 -5.02
N SER A 270 -30.78 39.94 -6.04
CA SER A 270 -31.77 39.97 -7.10
C SER A 270 -31.13 39.87 -8.49
N GLY A 271 -29.80 39.95 -8.46
CA GLY A 271 -28.99 39.77 -9.62
C GLY A 271 -29.01 38.37 -10.19
N ARG A 272 -28.10 38.18 -11.13
CA ARG A 272 -27.97 36.96 -11.82
C ARG A 272 -27.66 35.90 -10.78
N VAL A 273 -28.08 34.67 -11.02
CA VAL A 273 -27.61 33.55 -10.19
C VAL A 273 -26.30 33.04 -10.76
N ALA A 274 -25.23 33.22 -10.01
CA ALA A 274 -23.93 32.72 -10.46
C ALA A 274 -23.38 31.75 -9.44
N SER A 275 -22.32 31.04 -9.84
CA SER A 275 -21.56 30.20 -8.94
C SER A 275 -20.23 30.86 -8.62
N PRO A 276 -19.90 30.93 -7.33
CA PRO A 276 -18.58 31.48 -6.98
C PRO A 276 -17.47 30.50 -7.44
N THR A 277 -16.34 31.04 -7.88
CA THR A 277 -15.18 30.26 -8.33
C THR A 277 -14.21 29.97 -7.19
N ALA A 278 -13.13 29.25 -7.47
CA ALA A 278 -12.17 28.89 -6.42
C ALA A 278 -11.59 30.11 -5.70
N SER A 279 -11.58 31.23 -6.42
CA SER A 279 -11.14 32.53 -5.90
C SER A 279 -12.19 33.22 -5.10
N ILE A 280 -13.32 32.56 -4.88
CA ILE A 280 -14.34 32.99 -3.92
C ILE A 280 -15.22 34.18 -4.31
N ARG A 281 -14.61 35.28 -4.75
CA ARG A 281 -15.32 36.51 -5.11
C ARG A 281 -15.38 36.74 -6.59
N THR A 282 -14.97 35.75 -7.37
CA THR A 282 -15.28 35.78 -8.77
C THR A 282 -16.41 34.78 -8.96
N TRP A 283 -17.31 35.08 -9.91
CA TRP A 283 -18.53 34.32 -10.08
C TRP A 283 -18.59 33.91 -11.50
N PHE A 284 -19.07 32.69 -11.71
CA PHE A 284 -19.25 32.14 -13.08
C PHE A 284 -20.69 31.85 -13.43
N ILE A 285 -21.19 32.56 -14.45
CA ILE A 285 -22.49 32.20 -15.10
C ILE A 285 -22.22 31.51 -16.41
N ASP A 286 -22.71 30.29 -16.59
CA ASP A 286 -22.49 29.54 -17.87
C ASP A 286 -23.14 30.22 -19.06
N ASP A 287 -22.36 30.30 -20.13
CA ASP A 287 -22.72 31.17 -21.26
C ASP A 287 -23.25 32.49 -20.74
N HIS A 288 -22.46 33.16 -19.92
CA HIS A 288 -22.53 34.60 -19.86
C HIS A 288 -21.19 35.02 -20.44
N ASP A 289 -21.15 36.09 -21.22
CA ASP A 289 -19.85 36.41 -21.81
C ASP A 289 -18.70 36.66 -20.79
N TYR A 290 -19.04 36.84 -19.51
CA TYR A 290 -18.04 37.23 -18.51
C TYR A 290 -18.19 36.51 -17.17
N PHE A 291 -17.09 36.51 -16.42
CA PHE A 291 -17.12 36.26 -15.01
C PHE A 291 -17.38 37.60 -14.35
N ILE A 292 -17.93 37.61 -13.14
CA ILE A 292 -17.97 38.87 -12.36
C ILE A 292 -16.96 38.75 -11.28
N LYS A 293 -15.96 39.63 -11.31
CA LYS A 293 -14.91 39.68 -10.29
C LYS A 293 -15.16 40.85 -9.37
N GLY A 294 -15.97 40.65 -8.35
CA GLY A 294 -16.27 41.76 -7.41
C GLY A 294 -15.31 41.80 -6.25
N SER A 295 -15.40 42.82 -5.40
CA SER A 295 -14.56 42.85 -4.21
C SER A 295 -15.25 42.17 -3.03
N LEU A 296 -14.47 42.03 -1.97
CA LEU A 296 -14.92 41.35 -0.77
C LEU A 296 -13.90 41.58 0.35
N ASN A 297 -14.29 42.39 1.33
CA ASN A 297 -13.34 42.74 2.37
C ASN A 297 -13.26 41.67 3.43
N VAL A 298 -12.59 40.59 3.06
CA VAL A 298 -12.40 39.45 3.93
C VAL A 298 -11.06 38.86 3.55
N ARG A 299 -10.32 38.41 4.57
CA ARG A 299 -9.04 37.72 4.37
C ARG A 299 -9.41 36.34 3.91
N ILE A 300 -8.90 35.97 2.74
CA ILE A 300 -9.10 34.63 2.19
C ILE A 300 -7.79 34.11 1.63
N THR A 301 -7.30 33.04 2.27
CA THR A 301 -5.85 32.77 2.37
C THR A 301 -5.11 34.08 2.81
N ASN A 302 -4.14 34.55 2.01
CA ASN A 302 -3.27 35.70 2.33
C ASN A 302 -3.86 37.11 2.68
N CYS A 303 -4.64 37.62 1.75
CA CYS A 303 -4.96 39.04 1.61
C CYS A 303 -6.43 39.33 1.94
N VAL A 304 -6.85 40.56 1.65
CA VAL A 304 -8.23 40.90 1.75
C VAL A 304 -8.62 41.23 0.33
N ARG A 305 -9.59 40.50 -0.19
CA ARG A 305 -9.92 40.49 -1.61
C ARG A 305 -10.72 41.69 -2.14
N LYS A 306 -10.43 42.87 -1.64
CA LYS A 306 -10.91 44.05 -2.30
C LYS A 306 -10.19 44.24 -3.63
N ASN A 307 -10.89 44.88 -4.56
CA ASN A 307 -10.24 45.56 -5.69
C ASN A 307 -10.02 46.95 -5.19
N ALA A 308 -8.78 47.30 -4.88
CA ALA A 308 -8.57 48.65 -4.38
C ALA A 308 -8.73 49.64 -5.53
N TRP A 309 -9.11 50.86 -5.18
CA TRP A 309 -9.52 51.82 -6.18
C TRP A 309 -8.56 51.93 -7.36
N TYR A 310 -7.26 51.89 -7.04
CA TYR A 310 -6.19 52.05 -8.02
C TYR A 310 -6.01 50.82 -8.89
N GLU A 311 -6.19 49.65 -8.28
CA GLU A 311 -6.29 48.32 -8.97
C GLU A 311 -7.42 48.29 -10.00
N LEU A 312 -8.47 49.04 -9.70
CA LEU A 312 -9.62 49.16 -10.53
C LEU A 312 -9.31 49.99 -11.76
N GLU A 313 -8.41 50.95 -11.62
CA GLU A 313 -7.95 51.70 -12.76
C GLU A 313 -7.02 50.83 -13.61
N SER A 314 -6.18 50.05 -12.93
CA SER A 314 -5.05 49.41 -13.59
C SER A 314 -5.45 48.22 -14.45
N THR A 315 -6.54 47.57 -14.08
CA THR A 315 -7.07 46.47 -14.86
C THR A 315 -7.27 46.99 -16.27
N VAL A 316 -8.11 48.01 -16.38
CA VAL A 316 -8.31 48.78 -17.60
C VAL A 316 -7.03 48.89 -18.45
N LEU A 317 -6.01 49.53 -17.91
CA LEU A 317 -4.76 49.72 -18.65
C LEU A 317 -4.09 48.43 -19.05
N ILE A 318 -4.06 47.46 -18.14
CA ILE A 318 -3.46 46.14 -18.40
C ILE A 318 -4.20 45.45 -19.56
N ASP A 319 -5.53 45.46 -19.53
CA ASP A 319 -6.32 44.94 -20.63
C ASP A 319 -5.91 45.64 -21.93
N ARG A 320 -5.95 46.97 -21.97
CA ARG A 320 -5.59 47.69 -23.19
C ARG A 320 -4.19 47.34 -23.58
N LEU A 321 -3.38 47.02 -22.59
CA LEU A 321 -2.02 46.64 -22.84
C LEU A 321 -1.99 45.25 -23.52
N PHE A 322 -2.65 44.29 -22.89
CA PHE A 322 -2.65 42.91 -23.38
C PHE A 322 -3.20 42.76 -24.81
N ARG A 323 -4.12 43.63 -25.19
CA ARG A 323 -4.58 43.66 -26.57
C ARG A 323 -3.60 44.28 -27.56
N GLN A 324 -3.10 45.51 -27.30
CA GLN A 324 -1.96 46.08 -28.05
C GLN A 324 -0.89 45.02 -28.35
N LEU A 325 -0.47 44.30 -27.32
CA LEU A 325 0.49 43.21 -27.48
C LEU A 325 0.02 42.02 -28.34
N LEU A 326 -1.12 41.44 -27.98
CA LEU A 326 -1.66 40.27 -28.66
C LEU A 326 -1.97 40.60 -30.11
N ASP A 327 -2.50 41.78 -30.35
CA ASP A 327 -2.76 42.25 -31.68
C ASP A 327 -1.51 42.41 -32.58
N GLN A 328 -0.40 42.76 -31.96
CA GLN A 328 0.65 43.52 -32.63
C GLN A 328 2.01 42.92 -32.44
N HIS A 329 2.17 42.22 -31.31
CA HIS A 329 3.47 41.70 -30.83
C HIS A 329 3.38 40.19 -30.65
N ALA A 330 2.51 39.57 -31.44
CA ALA A 330 2.24 38.14 -31.36
C ALA A 330 3.49 37.31 -31.17
N ASP A 331 4.42 37.43 -32.11
CA ASP A 331 5.60 36.57 -32.16
C ASP A 331 6.40 36.65 -30.88
N THR A 332 6.45 37.85 -30.30
CA THR A 332 7.24 38.09 -29.10
C THR A 332 6.59 37.64 -27.80
N LEU A 333 5.47 36.93 -27.91
CA LEU A 333 4.71 36.56 -26.72
C LEU A 333 4.70 35.06 -26.46
N GLY A 334 5.52 34.33 -27.23
CA GLY A 334 5.64 32.89 -27.06
C GLY A 334 4.32 32.13 -26.92
N GLY A 335 3.26 32.63 -27.54
CA GLY A 335 2.04 31.82 -27.65
C GLY A 335 0.93 32.17 -26.68
N LEU A 336 1.02 33.34 -26.08
CA LEU A 336 0.13 33.75 -25.00
C LEU A 336 -1.38 33.69 -25.28
N VAL A 337 -2.07 33.11 -24.29
CA VAL A 337 -3.51 33.06 -24.24
C VAL A 337 -3.91 33.62 -22.89
N ALA A 338 -4.67 34.70 -22.94
CA ALA A 338 -5.06 35.41 -21.75
C ALA A 338 -6.51 35.82 -21.80
N ALA A 339 -7.16 35.80 -20.65
CA ALA A 339 -8.54 36.21 -20.52
C ALA A 339 -8.58 37.72 -20.36
N ALA A 340 -9.45 38.33 -21.16
CA ALA A 340 -9.67 39.75 -21.08
C ALA A 340 -10.16 40.11 -19.70
N GLU A 341 -9.90 41.34 -19.29
CA GLU A 341 -10.62 42.00 -18.20
C GLU A 341 -11.08 43.33 -18.84
N PRO A 342 -12.10 43.28 -19.76
CA PRO A 342 -12.47 44.41 -20.65
C PRO A 342 -13.31 45.56 -20.04
N GLY A 343 -13.80 45.38 -18.82
CA GLY A 343 -14.74 46.33 -18.21
C GLY A 343 -14.77 46.33 -16.70
N VAL A 344 -15.05 47.50 -16.15
CA VAL A 344 -14.79 47.71 -14.74
C VAL A 344 -15.79 48.74 -14.27
N VAL A 345 -16.43 48.50 -13.13
CA VAL A 345 -17.34 49.50 -12.66
C VAL A 345 -17.22 49.66 -11.18
N SER A 346 -17.34 50.91 -10.75
CA SER A 346 -17.42 51.21 -9.36
C SER A 346 -18.28 52.45 -9.22
N TRP A 347 -18.80 52.69 -8.03
CA TRP A 347 -19.64 53.83 -7.80
C TRP A 347 -19.20 54.59 -6.55
N SER A 348 -19.46 55.89 -6.52
CA SER A 348 -19.17 56.68 -5.34
C SER A 348 -19.97 57.96 -5.44
N PRO A 349 -20.48 58.48 -4.31
CA PRO A 349 -21.37 59.63 -4.34
C PRO A 349 -20.78 60.75 -5.15
N ALA A 350 -21.63 61.43 -5.91
CA ALA A 350 -21.19 62.50 -6.82
C ALA A 350 -20.22 63.38 -6.08
N ALA A 351 -20.72 63.96 -4.98
CA ALA A 351 -19.82 64.77 -4.24
C ALA A 351 -18.95 64.44 -3.09
N ALA A 352 -18.90 63.17 -2.72
CA ALA A 352 -17.96 62.69 -1.70
C ALA A 352 -16.52 63.10 -2.01
N GLY A 353 -15.76 63.38 -0.96
CA GLY A 353 -14.36 63.70 -1.13
C GLY A 353 -13.48 62.48 -0.97
N GLU A 354 -12.39 62.46 -1.74
CA GLU A 354 -11.70 61.24 -2.07
C GLU A 354 -11.35 60.24 -0.96
N LEU A 355 -11.25 60.61 0.33
CA LEU A 355 -11.01 59.52 1.24
C LEU A 355 -12.19 58.59 1.17
N ASP A 356 -13.37 59.19 1.00
CA ASP A 356 -14.60 58.46 0.77
C ASP A 356 -14.69 57.95 -0.64
N SER A 357 -14.69 58.82 -1.61
CA SER A 357 -14.87 58.34 -2.98
C SER A 357 -14.11 57.01 -3.19
N HIS A 358 -12.82 57.02 -2.90
CA HIS A 358 -12.04 55.79 -2.96
C HIS A 358 -12.74 54.71 -2.22
N TRP A 359 -12.82 54.83 -0.90
CA TRP A 359 -13.46 53.81 -0.07
C TRP A 359 -14.68 53.16 -0.72
N PHE A 360 -15.58 53.98 -1.26
CA PHE A 360 -16.74 53.50 -1.99
C PHE A 360 -16.30 52.61 -3.19
N ARG A 361 -15.60 53.22 -4.15
CA ARG A 361 -15.19 52.49 -5.33
C ARG A 361 -14.52 51.20 -4.94
N GLU A 362 -14.03 51.05 -3.71
CA GLU A 362 -13.43 49.75 -3.48
C GLU A 362 -14.38 48.74 -2.89
N GLN A 363 -15.51 49.25 -2.43
CA GLN A 363 -16.55 48.42 -1.87
C GLN A 363 -17.44 47.94 -3.00
N THR A 364 -17.64 48.84 -3.96
CA THR A 364 -18.56 48.65 -5.06
C THR A 364 -17.82 48.19 -6.28
N GLY A 365 -16.50 48.11 -6.20
CA GLY A 365 -15.71 47.72 -7.40
C GLY A 365 -16.13 46.45 -8.13
N GLY A 366 -16.24 46.51 -9.43
CA GLY A 366 -16.49 45.28 -10.17
C GLY A 366 -15.60 45.20 -11.38
N ILE A 367 -15.20 43.97 -11.77
CA ILE A 367 -14.39 43.73 -12.95
C ILE A 367 -14.94 42.54 -13.68
N LEU A 368 -15.18 42.68 -14.98
CA LEU A 368 -15.57 41.54 -15.83
C LEU A 368 -14.35 40.87 -16.43
N ARG A 369 -14.31 39.54 -16.34
CA ARG A 369 -13.38 38.73 -17.09
C ARG A 369 -14.08 37.93 -18.19
N GLU A 370 -13.50 37.90 -19.38
CA GLU A 370 -14.03 37.09 -20.44
C GLU A 370 -14.26 35.66 -19.98
N ASN A 371 -15.50 35.19 -20.11
CA ASN A 371 -15.76 33.80 -19.89
C ASN A 371 -15.14 33.11 -21.09
N PHE A 372 -13.93 32.65 -20.89
CA PHE A 372 -13.16 32.06 -21.97
C PHE A 372 -13.63 30.65 -22.32
N CYS A 373 -14.55 30.07 -21.54
CA CYS A 373 -15.12 28.74 -21.82
C CYS A 373 -15.87 28.76 -23.14
N ARG A 374 -16.29 29.97 -23.53
CA ARG A 374 -16.95 30.19 -24.81
C ARG A 374 -15.95 30.01 -25.95
N ARG A 375 -14.74 30.53 -25.77
CA ARG A 375 -13.65 30.34 -26.74
C ARG A 375 -13.03 28.94 -26.58
N THR A 376 -13.15 28.31 -25.41
CA THR A 376 -12.29 27.17 -25.10
C THR A 376 -13.03 25.93 -24.72
N GLY A 377 -14.34 26.05 -24.57
CA GLY A 377 -15.19 24.89 -24.37
C GLY A 377 -15.16 24.28 -22.98
N ALA A 378 -16.27 24.49 -22.26
CA ALA A 378 -16.53 23.96 -20.89
C ALA A 378 -15.81 22.70 -20.43
N GLU A 379 -15.94 21.67 -21.28
CA GLU A 379 -15.48 20.33 -20.96
C GLU A 379 -14.09 20.10 -21.53
N ARG A 380 -13.43 21.20 -21.89
CA ARG A 380 -12.17 21.14 -22.58
C ARG A 380 -11.11 21.95 -21.83
N SER A 381 -11.55 22.71 -20.83
CA SER A 381 -10.68 23.59 -20.07
C SER A 381 -10.82 23.35 -18.56
N ILE A 382 -9.68 23.15 -17.88
CA ILE A 382 -9.60 22.74 -16.44
C ILE A 382 -8.60 23.63 -15.68
N MET A 383 -9.02 24.13 -14.51
CA MET A 383 -8.23 25.04 -13.68
C MET A 383 -7.04 24.28 -13.15
N ALA A 384 -5.84 24.78 -13.42
CA ALA A 384 -4.63 24.02 -13.18
C ALA A 384 -4.58 23.46 -11.76
N GLY A 385 -4.79 24.33 -10.76
CA GLY A 385 -4.66 23.97 -9.34
C GLY A 385 -5.40 22.70 -8.97
N THR A 386 -6.57 22.58 -9.57
CA THR A 386 -7.37 21.35 -9.56
C THR A 386 -6.86 20.23 -10.52
N LEU A 387 -6.35 20.63 -11.68
CA LEU A 387 -5.84 19.64 -12.61
C LEU A 387 -4.88 18.78 -11.87
N PHE A 388 -4.07 19.38 -11.02
CA PHE A 388 -3.02 18.64 -10.36
C PHE A 388 -3.28 18.41 -8.87
N ALA A 389 -4.54 18.50 -8.45
CA ALA A 389 -4.88 18.31 -7.03
C ALA A 389 -5.13 16.84 -6.68
N ARG A 390 -5.16 16.53 -5.38
CA ARG A 390 -5.51 15.19 -4.93
C ARG A 390 -7.02 15.16 -4.76
N GLY A 391 -7.69 14.21 -5.41
CA GLY A 391 -9.13 14.09 -5.25
C GLY A 391 -9.54 13.61 -3.89
N VAL A 392 -10.83 13.33 -3.77
CA VAL A 392 -11.44 12.81 -2.55
C VAL A 392 -10.69 11.63 -1.84
N ASP A 393 -9.94 10.82 -2.60
CA ASP A 393 -9.15 9.71 -2.03
C ASP A 393 -7.66 10.04 -1.80
N LEU A 394 -7.30 11.31 -1.91
CA LEU A 394 -5.91 11.77 -1.77
C LEU A 394 -5.07 11.07 -2.84
N GLN A 395 -5.60 11.07 -4.06
CA GLN A 395 -4.95 10.50 -5.23
C GLN A 395 -4.96 11.54 -6.37
N PRO A 396 -3.76 11.91 -6.91
CA PRO A 396 -3.70 12.97 -7.91
C PRO A 396 -4.68 12.67 -9.04
N MET A 397 -5.66 13.54 -9.20
CA MET A 397 -6.76 13.24 -10.11
C MET A 397 -6.28 13.11 -11.55
N ILE A 398 -5.21 13.87 -11.86
CA ILE A 398 -4.58 13.86 -13.18
C ILE A 398 -4.35 12.46 -13.72
N GLN A 399 -3.92 11.53 -12.87
CA GLN A 399 -3.65 10.12 -13.26
C GLN A 399 -4.85 9.47 -13.96
N THR A 400 -5.91 9.19 -13.21
CA THR A 400 -7.08 8.52 -13.79
C THR A 400 -7.75 9.32 -14.93
N PHE A 401 -7.56 10.63 -14.92
CA PHE A 401 -8.06 11.50 -15.99
C PHE A 401 -7.40 11.17 -17.31
N LEU A 402 -6.08 11.01 -17.25
CA LEU A 402 -5.30 10.73 -18.43
C LEU A 402 -5.51 9.28 -18.84
N ARG A 403 -5.53 8.39 -17.86
CA ARG A 403 -5.70 6.97 -18.13
C ARG A 403 -6.97 6.79 -18.94
N THR A 404 -7.98 7.63 -18.72
CA THR A 404 -9.23 7.51 -19.48
C THR A 404 -9.19 8.22 -20.82
N HIS A 405 -8.43 9.32 -20.93
CA HIS A 405 -8.33 10.04 -22.20
C HIS A 405 -7.44 9.33 -23.22
N TYR A 406 -6.48 8.54 -22.73
CA TYR A 406 -5.52 7.88 -23.58
C TYR A 406 -5.80 6.37 -23.66
N GLY A 407 -7.03 5.99 -23.32
CA GLY A 407 -7.50 4.60 -23.39
C GLY A 407 -6.93 3.71 -22.30
N GLU A 408 -5.64 3.41 -22.41
CA GLU A 408 -4.94 2.46 -21.55
C GLU A 408 -4.20 3.24 -20.49
N ALA A 409 -3.59 2.51 -19.55
CA ALA A 409 -2.61 3.08 -18.65
C ALA A 409 -1.42 3.69 -19.44
N LEU A 410 -0.83 4.78 -18.93
CA LEU A 410 0.27 5.48 -19.63
C LEU A 410 1.66 5.15 -19.10
N ASP A 411 2.51 4.66 -19.99
CA ASP A 411 3.88 4.37 -19.63
C ASP A 411 4.65 5.67 -19.40
N ASP A 412 5.80 5.56 -18.75
CA ASP A 412 6.65 6.71 -18.46
C ASP A 412 6.74 7.70 -19.61
N ASN A 413 7.05 7.23 -20.80
CA ASN A 413 7.26 8.16 -21.89
C ASN A 413 6.00 8.92 -22.36
N ALA A 414 4.82 8.32 -22.21
CA ALA A 414 3.59 9.05 -22.42
C ALA A 414 3.58 10.25 -21.51
N LEU A 415 3.82 10.01 -20.21
CA LEU A 415 3.79 11.03 -19.14
C LEU A 415 4.80 12.18 -19.31
N LEU A 416 6.01 11.85 -19.76
CA LEU A 416 7.03 12.85 -20.11
C LEU A 416 6.63 13.64 -21.35
N TYR A 417 6.04 12.96 -22.35
CA TYR A 417 5.51 13.65 -23.51
C TYR A 417 4.52 14.66 -22.97
N TRP A 418 3.47 14.17 -22.29
CA TRP A 418 2.38 15.01 -21.80
C TRP A 418 2.94 16.23 -21.12
N PHE A 419 3.65 15.96 -20.03
CA PHE A 419 4.31 16.99 -19.25
C PHE A 419 5.00 18.04 -20.10
N ASP A 420 5.52 17.58 -21.23
CA ASP A 420 6.37 18.39 -22.05
C ASP A 420 5.57 19.25 -22.97
N ASP A 421 4.33 18.87 -23.24
CA ASP A 421 3.55 19.72 -24.11
C ASP A 421 2.98 20.83 -23.31
N TYR A 422 2.49 20.43 -22.15
CA TYR A 422 2.13 21.32 -21.05
C TYR A 422 3.07 22.47 -20.84
N GLN A 423 4.27 22.14 -20.36
CA GLN A 423 5.18 23.14 -19.93
C GLN A 423 5.75 24.02 -21.04
N THR A 424 5.82 23.55 -22.29
CA THR A 424 6.13 24.50 -23.39
C THR A 424 5.15 25.70 -23.24
N ARG A 425 3.89 25.40 -22.99
CA ARG A 425 2.81 26.36 -23.19
C ARG A 425 2.55 27.19 -21.97
N LEU A 426 3.12 26.80 -20.84
CA LEU A 426 3.16 27.67 -19.66
C LEU A 426 4.43 28.55 -19.69
N LEU A 427 5.56 27.97 -20.06
CA LEU A 427 6.80 28.70 -20.01
C LEU A 427 6.94 29.75 -21.10
N ARG A 428 6.68 29.38 -22.35
CA ARG A 428 6.92 30.30 -23.47
C ARG A 428 6.25 31.68 -23.31
N PRO A 429 4.95 31.71 -22.95
CA PRO A 429 4.29 33.01 -22.76
C PRO A 429 4.79 33.81 -21.54
N VAL A 430 4.89 33.16 -20.37
CA VAL A 430 5.24 33.84 -19.11
C VAL A 430 6.58 34.55 -19.24
N LEU A 431 7.55 33.81 -19.73
CA LEU A 431 8.90 34.26 -19.86
C LEU A 431 9.08 35.25 -21.00
N SER A 432 8.49 34.99 -22.16
CA SER A 432 8.45 36.00 -23.23
C SER A 432 7.85 37.29 -22.69
N LEU A 433 6.73 37.20 -21.97
CA LEU A 433 6.13 38.40 -21.38
C LEU A 433 7.10 39.15 -20.50
N PHE A 434 7.84 38.45 -19.64
CA PHE A 434 8.82 39.09 -18.76
C PHE A 434 10.03 39.74 -19.49
N PHE A 435 10.81 38.95 -20.22
CA PHE A 435 12.00 39.49 -20.83
C PHE A 435 11.80 40.36 -22.07
N ASN A 436 10.76 40.11 -22.85
CA ASN A 436 10.49 40.90 -24.05
C ASN A 436 9.81 42.24 -23.74
N HIS A 437 9.06 42.30 -22.64
CA HIS A 437 8.16 43.44 -22.35
C HIS A 437 8.10 43.94 -20.91
N GLY A 438 8.73 43.21 -19.98
CA GLY A 438 8.67 43.53 -18.57
C GLY A 438 7.28 43.37 -17.96
N VAL A 439 6.42 42.64 -18.64
CA VAL A 439 5.11 42.32 -18.09
C VAL A 439 5.26 41.14 -17.14
N VAL A 440 5.10 41.40 -15.84
CA VAL A 440 5.17 40.35 -14.80
C VAL A 440 3.80 39.77 -14.47
N MET A 441 3.65 38.49 -14.79
CA MET A 441 2.42 37.75 -14.60
C MET A 441 2.44 37.09 -13.24
N GLU A 442 1.34 36.52 -12.81
CA GLU A 442 1.35 35.75 -11.59
C GLU A 442 0.79 34.37 -11.91
N PRO A 443 1.55 33.55 -12.66
CA PRO A 443 1.06 32.29 -13.20
C PRO A 443 1.08 31.08 -12.26
N HIS A 444 0.58 31.23 -11.03
CA HIS A 444 0.50 30.06 -10.15
C HIS A 444 -0.67 29.19 -10.58
N LEU A 445 -0.97 28.16 -9.79
CA LEU A 445 -1.89 27.11 -10.20
C LEU A 445 -3.31 27.63 -10.40
N GLN A 446 -3.65 28.65 -9.65
CA GLN A 446 -5.02 29.12 -9.63
C GLN A 446 -5.23 30.14 -10.75
N ASN A 447 -4.15 30.83 -11.13
CA ASN A 447 -4.19 31.85 -12.19
C ASN A 447 -4.04 31.23 -13.58
N SER A 448 -4.25 29.93 -13.67
CA SER A 448 -3.94 29.20 -14.87
C SER A 448 -5.00 28.13 -15.18
N VAL A 449 -5.37 28.07 -16.45
CA VAL A 449 -6.42 27.16 -16.83
C VAL A 449 -5.89 26.43 -18.04
N LEU A 450 -5.99 25.10 -18.00
CA LEU A 450 -5.56 24.28 -19.12
C LEU A 450 -6.68 24.14 -20.12
N VAL A 451 -6.36 24.36 -21.37
CA VAL A 451 -7.32 24.06 -22.40
C VAL A 451 -6.79 22.82 -23.10
N HIS A 452 -7.65 21.81 -23.28
CA HIS A 452 -7.17 20.53 -23.80
C HIS A 452 -8.03 19.89 -24.92
N GLN A 453 -7.37 19.40 -25.97
CA GLN A 453 -8.06 18.57 -26.94
C GLN A 453 -7.94 17.15 -26.45
N GLN A 454 -8.94 16.76 -25.65
CA GLN A 454 -9.06 15.42 -25.04
C GLN A 454 -7.76 14.87 -24.47
N GLY A 455 -7.29 15.51 -23.39
CA GLY A 455 -6.04 15.18 -22.76
C GLY A 455 -4.86 15.98 -23.29
N ARG A 456 -4.80 16.17 -24.61
CA ARG A 456 -3.67 16.83 -25.31
C ARG A 456 -3.71 18.33 -25.03
N PRO A 457 -2.73 18.85 -24.24
CA PRO A 457 -2.73 20.26 -23.84
C PRO A 457 -2.67 21.19 -25.05
N GLN A 458 -3.60 22.15 -25.13
CA GLN A 458 -3.65 23.12 -26.24
C GLN A 458 -3.12 24.51 -25.85
N GLN A 459 -3.72 25.13 -24.83
CA GLN A 459 -3.28 26.41 -24.31
C GLN A 459 -3.16 26.27 -22.81
N VAL A 460 -2.30 27.06 -22.20
CA VAL A 460 -2.40 27.25 -20.77
C VAL A 460 -2.86 28.68 -20.57
N LEU A 461 -4.16 28.86 -20.46
CA LEU A 461 -4.73 30.19 -20.31
C LEU A 461 -4.31 30.82 -19.01
N LEU A 462 -3.92 32.08 -19.09
CA LEU A 462 -3.53 32.79 -17.90
C LEU A 462 -4.51 33.93 -17.71
N ARG A 463 -4.60 34.43 -16.49
CA ARG A 463 -5.54 35.48 -16.16
C ARG A 463 -5.07 36.13 -14.89
N ASP A 464 -5.83 37.19 -14.52
CA ASP A 464 -5.76 37.91 -13.25
C ASP A 464 -4.85 39.11 -13.34
N PHE A 465 -5.45 40.26 -13.60
CA PHE A 465 -4.66 41.46 -13.76
C PHE A 465 -4.28 42.17 -12.41
N GLU A 466 -4.99 41.82 -11.33
CA GLU A 466 -4.56 42.11 -9.98
C GLU A 466 -3.09 41.72 -9.82
N GLY A 467 -2.76 40.49 -10.20
CA GLY A 467 -1.42 39.94 -10.03
C GLY A 467 -0.35 40.58 -10.90
N VAL A 468 -0.78 41.17 -12.00
CA VAL A 468 0.12 41.69 -13.03
C VAL A 468 0.78 42.98 -12.55
N LYS A 469 2.11 42.98 -12.60
CA LYS A 469 2.94 44.14 -12.31
C LYS A 469 3.84 44.42 -13.51
N LEU A 470 4.54 45.55 -13.50
CA LEU A 470 5.41 45.88 -14.60
C LEU A 470 6.78 46.33 -14.09
N THR A 471 7.84 45.88 -14.75
CA THR A 471 9.19 46.15 -14.28
C THR A 471 9.58 47.56 -14.58
N ASP A 472 10.37 48.11 -13.66
CA ASP A 472 10.81 49.53 -13.69
C ASP A 472 11.73 49.92 -14.86
N ASP A 473 12.45 48.93 -15.41
CA ASP A 473 13.34 49.16 -16.55
C ASP A 473 12.65 48.94 -17.91
N LEU A 474 11.46 48.36 -17.89
CA LEU A 474 10.91 47.84 -19.12
C LEU A 474 9.37 47.89 -19.13
N GLY A 475 8.76 46.97 -18.39
CA GLY A 475 7.31 46.82 -18.36
C GLY A 475 6.63 48.13 -18.15
N ILE A 476 7.21 48.94 -17.28
CA ILE A 476 6.66 50.22 -16.95
C ILE A 476 6.45 51.14 -18.16
N ARG A 477 7.26 50.95 -19.20
CA ARG A 477 7.12 51.83 -20.32
C ARG A 477 5.89 51.88 -21.16
N TYR A 478 5.02 50.92 -20.93
CA TYR A 478 3.77 50.93 -21.62
C TYR A 478 2.74 51.73 -20.84
N ILE A 479 3.19 52.42 -19.81
CA ILE A 479 2.29 53.25 -19.05
C ILE A 479 2.16 54.64 -19.64
N ASP A 480 0.97 54.92 -20.16
CA ASP A 480 0.64 56.19 -20.84
C ASP A 480 0.46 57.26 -19.78
N ASP A 481 1.47 58.09 -19.65
CA ASP A 481 1.78 58.68 -18.36
C ASP A 481 0.73 59.40 -17.50
N ASP A 482 -0.28 60.10 -18.05
CA ASP A 482 -1.26 60.55 -17.11
C ASP A 482 -2.07 59.66 -16.18
N ILE A 483 -1.30 59.02 -15.30
CA ILE A 483 -1.74 57.98 -14.41
C ILE A 483 -1.49 58.43 -12.97
N HIS A 484 -2.45 58.19 -12.11
CA HIS A 484 -2.32 58.61 -10.74
C HIS A 484 -1.09 57.93 -10.13
N PRO A 485 -0.26 58.70 -9.40
CA PRO A 485 0.99 58.25 -8.77
C PRO A 485 0.81 57.03 -7.88
N ARG A 486 -0.38 56.92 -7.28
CA ARG A 486 -0.73 55.78 -6.44
C ARG A 486 -0.95 54.51 -7.25
N VAL A 487 -1.54 54.67 -8.46
CA VAL A 487 -1.82 53.56 -9.39
C VAL A 487 -0.54 53.05 -9.94
N ARG A 488 0.26 53.97 -10.49
CA ARG A 488 1.60 53.70 -10.98
C ARG A 488 2.39 52.94 -9.90
N GLN A 489 2.19 53.31 -8.65
CA GLN A 489 2.88 52.65 -7.57
C GLN A 489 2.50 51.17 -7.34
N SER A 490 1.26 50.81 -7.65
CA SER A 490 0.78 49.45 -7.45
C SER A 490 1.28 48.55 -8.54
N LEU A 491 1.59 49.14 -9.69
CA LEU A 491 2.03 48.37 -10.86
C LEU A 491 3.56 48.18 -10.91
N LEU A 492 4.26 48.99 -10.14
CA LEU A 492 5.68 49.06 -10.30
C LEU A 492 6.40 48.02 -9.47
N TYR A 493 6.90 47.02 -10.18
CA TYR A 493 7.85 46.08 -9.64
C TYR A 493 9.26 46.44 -10.08
N SER A 494 10.16 46.45 -9.10
CA SER A 494 11.58 46.34 -9.36
C SER A 494 11.82 45.01 -10.07
N ARG A 495 12.81 44.98 -10.92
CA ARG A 495 12.96 43.84 -11.80
C ARG A 495 13.40 42.56 -11.06
N GLU A 496 14.07 42.69 -9.93
CA GLU A 496 14.33 41.48 -9.18
C GLU A 496 13.17 41.14 -8.26
N GLN A 497 12.51 42.14 -7.67
CA GLN A 497 11.20 41.94 -7.04
C GLN A 497 10.40 41.05 -7.95
N GLY A 498 10.43 41.40 -9.23
CA GLY A 498 9.55 40.85 -10.22
C GLY A 498 9.98 39.48 -10.66
N TRP A 499 11.28 39.28 -10.81
CA TRP A 499 11.77 37.98 -11.23
C TRP A 499 11.57 36.95 -10.12
N ASN A 500 11.55 37.42 -8.87
CA ASN A 500 11.23 36.56 -7.76
C ASN A 500 9.85 35.96 -7.92
N ARG A 501 8.87 36.80 -8.22
CA ARG A 501 7.54 36.29 -8.51
C ARG A 501 7.59 35.26 -9.65
N ILE A 502 8.09 35.65 -10.82
CA ILE A 502 8.00 34.73 -11.96
C ILE A 502 8.58 33.38 -11.59
N MET A 503 9.59 33.39 -10.73
CA MET A 503 10.36 32.23 -10.35
C MET A 503 9.54 31.36 -9.41
N TYR A 504 9.09 31.94 -8.31
CA TYR A 504 8.24 31.19 -7.37
C TYR A 504 6.98 30.63 -8.08
N CYS A 505 6.39 31.43 -8.93
CA CYS A 505 5.15 31.05 -9.60
C CYS A 505 5.26 29.88 -10.57
N LEU A 506 6.08 30.03 -11.60
CA LEU A 506 6.30 28.97 -12.60
C LEU A 506 6.88 27.71 -12.00
N PHE A 507 7.76 27.90 -11.02
CA PHE A 507 8.60 26.80 -10.66
C PHE A 507 8.19 26.13 -9.40
N ILE A 508 8.08 26.91 -8.33
CA ILE A 508 7.84 26.32 -7.03
C ILE A 508 6.36 26.11 -6.69
N ASN A 509 5.51 27.00 -7.18
CA ASN A 509 4.07 26.83 -7.01
C ASN A 509 3.47 25.93 -8.09
N HIS A 510 3.95 26.04 -9.33
CA HIS A 510 3.19 25.45 -10.46
C HIS A 510 3.75 24.14 -11.00
N LEU A 511 4.94 24.15 -11.59
CA LEU A 511 5.45 22.94 -12.17
C LEU A 511 5.89 21.91 -11.14
N SER A 512 6.65 22.32 -10.13
CA SER A 512 6.94 21.46 -8.97
C SER A 512 5.79 20.48 -8.78
N GLU A 513 4.62 21.08 -8.54
CA GLU A 513 3.33 20.45 -8.32
C GLU A 513 2.79 19.67 -9.51
N THR A 514 2.87 20.21 -10.71
CA THR A 514 2.51 19.45 -11.94
C THR A 514 3.27 18.13 -11.99
N ILE A 515 4.59 18.25 -11.86
CA ILE A 515 5.51 17.15 -11.65
C ILE A 515 4.99 16.27 -10.52
N LEU A 516 5.12 16.66 -9.24
CA LEU A 516 4.60 15.87 -8.12
C LEU A 516 3.31 15.08 -8.42
N ALA A 517 2.43 15.66 -9.25
CA ALA A 517 1.15 15.01 -9.59
C ALA A 517 1.37 13.87 -10.53
N LEU A 518 2.03 14.13 -11.64
CA LEU A 518 2.30 13.10 -12.64
C LEU A 518 3.21 12.00 -12.10
N SER A 519 4.27 12.36 -11.38
CA SER A 519 5.26 11.35 -10.93
C SER A 519 4.94 10.66 -9.60
N GLN A 520 3.71 10.84 -9.11
CA GLN A 520 3.22 10.14 -7.94
C GLN A 520 3.32 8.69 -8.27
N GLY A 521 3.91 7.90 -7.38
CA GLY A 521 4.15 6.49 -7.66
C GLY A 521 5.37 6.21 -8.52
N ARG A 522 5.84 7.19 -9.29
CA ARG A 522 7.05 7.00 -10.12
C ARG A 522 8.11 8.12 -9.92
N PRO A 523 8.59 8.32 -8.69
CA PRO A 523 9.46 9.46 -8.43
C PRO A 523 10.60 9.56 -9.43
N GLN A 524 11.16 8.44 -9.87
CA GLN A 524 12.25 8.54 -10.85
C GLN A 524 11.92 9.46 -12.06
N LEU A 525 10.63 9.66 -12.33
CA LEU A 525 10.22 10.60 -13.36
C LEU A 525 10.55 12.04 -13.02
N ALA A 526 10.51 12.39 -11.74
CA ALA A 526 10.83 13.76 -11.31
C ALA A 526 12.07 14.32 -12.02
N PRO A 527 13.28 13.80 -11.69
CA PRO A 527 14.47 14.48 -12.21
C PRO A 527 14.46 14.59 -13.75
N LEU A 528 14.01 13.54 -14.44
CA LEU A 528 13.92 13.61 -15.88
C LEU A 528 13.06 14.78 -16.27
N MET A 529 11.90 14.92 -15.67
CA MET A 529 11.02 16.02 -16.01
C MET A 529 11.73 17.35 -15.89
N TRP A 530 12.39 17.59 -14.76
CA TRP A 530 13.13 18.88 -14.55
C TRP A 530 14.22 19.09 -15.58
N ARG A 531 14.88 18.02 -15.98
CA ARG A 531 15.87 18.14 -17.03
C ARG A 531 15.15 18.60 -18.30
N ARG A 532 13.97 18.02 -18.59
CA ARG A 532 13.12 18.47 -19.71
C ARG A 532 12.74 19.93 -19.53
N VAL A 533 12.52 20.34 -18.29
CA VAL A 533 12.26 21.75 -17.99
C VAL A 533 13.43 22.62 -18.44
N GLN A 534 14.64 22.18 -18.09
CA GLN A 534 15.84 22.97 -18.27
C GLN A 534 16.19 23.19 -19.73
N GLN A 535 15.81 22.26 -20.57
CA GLN A 535 16.08 22.42 -21.99
C GLN A 535 15.13 23.44 -22.52
N GLN A 536 13.85 23.27 -22.18
CA GLN A 536 12.83 24.23 -22.51
C GLN A 536 13.29 25.64 -22.17
N LEU A 537 13.76 25.80 -20.93
CA LEU A 537 14.35 27.04 -20.45
C LEU A 537 15.39 27.63 -21.41
N ARG A 538 16.22 26.77 -21.98
CA ARG A 538 17.29 27.18 -22.86
C ARG A 538 16.82 27.46 -24.26
N ALA A 539 15.96 26.59 -24.79
CA ALA A 539 15.39 26.80 -26.14
C ALA A 539 14.58 28.10 -26.23
N ILE A 540 13.75 28.34 -25.22
CA ILE A 540 12.98 29.58 -25.12
C ILE A 540 13.90 30.79 -25.04
N GLN A 541 14.92 30.70 -24.20
CA GLN A 541 15.90 31.76 -24.10
C GLN A 541 16.46 32.08 -25.47
N GLY A 542 16.92 31.05 -26.17
CA GLY A 542 17.41 31.18 -27.54
C GLY A 542 16.49 32.03 -28.38
N GLU A 543 15.18 31.97 -28.10
CA GLU A 543 14.14 32.72 -28.84
C GLU A 543 13.93 34.17 -28.39
N LEU A 544 14.17 34.48 -27.12
CA LEU A 544 13.92 35.83 -26.58
C LEU A 544 14.54 36.95 -27.40
N LYS A 545 13.91 38.12 -27.34
CA LYS A 545 14.37 39.28 -28.09
C LYS A 545 14.89 40.38 -27.18
N GLN A 546 15.32 40.03 -25.98
CA GLN A 546 15.92 40.97 -25.03
C GLN A 546 16.83 40.21 -24.05
N PRO A 547 17.71 40.92 -23.32
CA PRO A 547 18.63 40.15 -22.46
C PRO A 547 17.91 39.50 -21.26
N SER A 548 18.55 38.49 -20.67
CA SER A 548 17.93 37.75 -19.61
C SER A 548 18.92 37.03 -18.69
N PRO A 549 19.79 37.79 -18.00
CA PRO A 549 20.81 37.23 -17.09
C PRO A 549 20.19 36.29 -16.08
N GLU A 550 19.14 36.74 -15.40
CA GLU A 550 18.45 35.94 -14.38
C GLU A 550 18.07 34.58 -14.95
N LEU A 551 17.73 34.52 -16.23
CA LEU A 551 17.49 33.24 -16.90
C LEU A 551 18.75 32.37 -16.99
N ASP A 552 19.84 32.95 -17.48
CA ASP A 552 21.12 32.22 -17.55
C ASP A 552 21.39 31.68 -16.18
N ALA A 553 21.23 32.54 -15.16
CA ALA A 553 21.51 32.21 -13.76
C ALA A 553 20.80 30.91 -13.40
N LEU A 554 19.51 30.90 -13.67
CA LEU A 554 18.66 29.77 -13.38
C LEU A 554 19.04 28.50 -14.15
N ILE A 555 19.22 28.64 -15.47
CA ILE A 555 19.59 27.52 -16.32
C ILE A 555 20.83 26.83 -15.74
N ALA A 556 21.85 27.62 -15.43
CA ALA A 556 23.06 27.13 -14.81
C ALA A 556 22.85 26.85 -13.31
N GLY A 557 21.63 26.45 -12.93
CA GLY A 557 21.34 25.86 -11.61
C GLY A 557 21.43 26.71 -10.33
N HIS A 558 21.52 28.04 -10.49
CA HIS A 558 21.49 28.94 -9.34
C HIS A 558 20.14 28.85 -8.62
N PRO A 559 20.12 29.15 -7.29
CA PRO A 559 18.95 28.87 -6.43
C PRO A 559 17.67 29.60 -6.87
N VAL A 560 16.51 29.04 -6.55
CA VAL A 560 15.20 29.54 -6.99
C VAL A 560 14.42 30.22 -5.86
N ALA A 561 13.85 31.38 -6.18
CA ALA A 561 13.02 32.15 -5.25
C ALA A 561 11.71 31.44 -4.94
N CYS A 562 11.36 31.41 -3.67
CA CYS A 562 10.12 30.79 -3.25
C CYS A 562 9.42 31.61 -2.20
N LYS A 563 8.20 32.07 -2.51
CA LYS A 563 7.34 32.87 -1.61
C LYS A 563 6.93 32.00 -0.47
N THR A 564 6.92 32.60 0.72
CA THR A 564 6.70 31.87 1.97
C THR A 564 5.37 32.25 2.55
N ASN A 565 4.44 31.30 2.47
CA ASN A 565 3.08 31.48 2.95
C ASN A 565 2.94 31.51 4.46
N LEU A 566 3.45 30.48 5.11
CA LEU A 566 3.40 30.39 6.57
C LEU A 566 4.23 31.46 7.32
N LYS A 567 5.49 31.68 6.90
CA LYS A 567 6.41 32.61 7.61
C LYS A 567 5.85 34.03 7.67
N VAL A 568 5.22 34.45 6.56
CA VAL A 568 4.57 35.74 6.46
C VAL A 568 3.50 35.87 7.56
N ARG A 569 2.62 34.88 7.64
CA ARG A 569 1.52 34.89 8.60
C ARG A 569 2.03 34.87 10.06
N LEU A 570 3.27 34.43 10.22
CA LEU A 570 3.88 34.22 11.54
C LEU A 570 4.62 35.49 12.00
N ALA A 571 5.58 35.96 11.19
CA ALA A 571 6.17 37.29 11.38
C ALA A 571 5.34 38.45 10.78
N ALA A 578 5.60 39.88 0.60
CA ALA A 578 6.03 38.73 1.43
C ALA A 578 7.53 38.42 1.39
N SER A 579 7.95 37.57 2.31
CA SER A 579 9.31 37.07 2.37
C SER A 579 9.49 35.97 1.32
N TYR A 580 10.58 36.04 0.56
CA TYR A 580 10.93 34.93 -0.32
C TYR A 580 12.18 34.25 0.25
N VAL A 581 12.18 32.93 0.31
CA VAL A 581 13.37 32.19 0.69
C VAL A 581 13.97 31.53 -0.55
N ARG A 582 15.20 31.04 -0.40
CA ARG A 582 15.98 30.53 -1.52
C ARG A 582 16.05 28.99 -1.46
N LEU A 583 15.52 28.32 -2.50
CA LEU A 583 15.55 26.86 -2.55
C LEU A 583 16.46 26.39 -3.66
N PRO A 584 17.32 25.39 -3.36
CA PRO A 584 18.23 24.74 -4.30
C PRO A 584 17.57 24.32 -5.63
N SER A 585 18.23 24.59 -6.74
CA SER A 585 17.72 24.18 -8.04
C SER A 585 17.53 22.65 -8.02
N PRO A 586 16.62 22.14 -8.86
CA PRO A 586 16.62 20.69 -9.18
C PRO A 586 17.67 20.25 -10.20
N TRP A 587 18.62 21.11 -10.56
CA TRP A 587 19.61 20.75 -11.57
C TRP A 587 20.89 21.57 -11.47
N ASP B 7 19.16 -6.66 5.07
CA ASP B 7 19.74 -7.37 6.24
C ASP B 7 19.10 -6.98 7.55
N VAL B 8 18.76 -5.72 7.72
CA VAL B 8 17.81 -5.44 8.79
C VAL B 8 16.43 -5.67 8.19
N LEU B 9 16.23 -5.19 6.97
CA LEU B 9 15.05 -5.52 6.19
C LEU B 9 14.72 -7.01 6.19
N SER B 10 15.72 -7.84 5.98
CA SER B 10 15.51 -9.27 6.06
C SER B 10 15.00 -9.70 7.45
N ARG B 11 15.68 -9.30 8.52
CA ARG B 11 15.19 -9.49 9.89
C ARG B 11 13.72 -9.10 10.00
N MET B 12 13.38 -7.91 9.51
CA MET B 12 12.02 -7.39 9.58
C MET B 12 10.98 -8.22 8.83
N ILE B 13 11.40 -8.80 7.71
CA ILE B 13 10.48 -9.60 6.96
C ILE B 13 10.26 -10.90 7.75
N SER B 14 11.33 -11.45 8.31
CA SER B 14 11.28 -12.68 9.11
C SER B 14 10.36 -12.56 10.31
N GLU B 15 10.36 -11.40 10.96
CA GLU B 15 9.37 -11.10 12.00
C GLU B 15 7.90 -11.07 11.53
N LYS B 16 7.64 -10.37 10.41
CA LYS B 16 6.31 -10.27 9.85
C LYS B 16 5.77 -11.66 9.66
N ALA B 17 6.60 -12.47 9.04
CA ALA B 17 6.29 -13.84 8.78
C ALA B 17 5.98 -14.63 10.06
N ALA B 18 7.03 -14.85 10.85
CA ALA B 18 6.96 -15.55 12.12
C ALA B 18 5.76 -15.05 12.95
N LEU B 19 5.56 -13.75 12.93
CA LEU B 19 4.47 -13.17 13.65
C LEU B 19 3.11 -13.56 13.01
N HIS B 20 3.05 -13.47 11.69
CA HIS B 20 1.82 -13.78 11.01
C HIS B 20 1.49 -15.22 11.19
N GLY B 21 2.52 -16.05 11.27
CA GLY B 21 2.34 -17.50 11.47
C GLY B 21 1.74 -17.79 12.84
N LEU B 22 2.28 -17.12 13.85
CA LEU B 22 1.80 -17.24 15.20
C LEU B 22 0.38 -16.73 15.33
N LEU B 23 0.02 -15.67 14.62
CA LEU B 23 -1.33 -15.17 14.67
C LEU B 23 -2.31 -16.25 14.25
N ASN B 24 -2.04 -16.84 13.09
CA ASN B 24 -2.76 -18.00 12.60
C ASN B 24 -3.03 -19.07 13.69
N CYS B 25 -2.05 -19.34 14.55
CA CYS B 25 -2.22 -20.31 15.62
C CYS B 25 -3.24 -19.73 16.57
N LEU B 26 -2.83 -18.69 17.29
CA LEU B 26 -3.72 -17.96 18.17
C LEU B 26 -5.20 -17.91 17.71
N ILE B 27 -5.44 -17.50 16.46
CA ILE B 27 -6.81 -17.38 15.95
C ILE B 27 -7.49 -18.73 15.88
N LYS B 28 -6.91 -19.60 15.04
CA LYS B 28 -7.44 -20.91 14.72
C LYS B 28 -7.56 -21.84 15.97
N GLU B 29 -6.56 -21.79 16.84
CA GLU B 29 -6.48 -22.68 17.99
C GLU B 29 -7.25 -22.19 19.20
N PHE B 30 -7.39 -20.88 19.37
CA PHE B 30 -8.08 -20.37 20.56
C PHE B 30 -9.24 -19.46 20.23
N ALA B 31 -8.92 -18.38 19.56
CA ALA B 31 -9.84 -17.26 19.40
C ALA B 31 -11.18 -17.67 18.80
N ILE B 32 -11.17 -18.35 17.66
CA ILE B 32 -12.41 -18.71 17.01
C ILE B 32 -13.11 -19.88 17.74
N PRO B 33 -12.34 -20.90 18.18
CA PRO B 33 -12.99 -22.01 18.88
C PRO B 33 -13.62 -21.61 20.22
N GLU B 34 -12.86 -20.91 21.06
CA GLU B 34 -13.39 -20.48 22.36
C GLU B 34 -14.00 -19.07 22.39
N GLY B 35 -14.23 -18.47 21.20
CA GLY B 35 -14.98 -17.20 21.04
C GLY B 35 -14.42 -15.89 21.56
N TYR B 36 -13.11 -15.69 21.53
CA TYR B 36 -12.52 -14.44 21.99
C TYR B 36 -12.26 -13.43 20.88
N LEU B 37 -12.88 -13.64 19.73
CA LEU B 37 -12.57 -12.84 18.58
C LEU B 37 -13.78 -12.10 18.09
N ARG B 38 -13.59 -10.82 17.77
CA ARG B 38 -14.67 -9.96 17.29
C ARG B 38 -14.19 -9.01 16.19
N TYR B 39 -14.99 -8.85 15.13
CA TYR B 39 -14.68 -7.92 14.04
C TYR B 39 -15.26 -6.51 14.25
N GLU B 40 -14.60 -5.70 15.07
CA GLU B 40 -15.05 -4.36 15.37
C GLU B 40 -13.94 -3.41 15.81
N TRP B 41 -14.21 -2.12 15.71
CA TRP B 41 -13.30 -1.09 16.15
C TRP B 41 -13.32 -0.94 17.68
N PRO B 42 -12.19 -0.63 18.32
CA PRO B 42 -12.24 -0.46 19.74
C PRO B 42 -12.78 0.91 20.14
N ASP B 43 -13.04 1.07 21.44
CA ASP B 43 -13.61 2.30 21.99
C ASP B 43 -12.62 3.45 21.98
N GLU B 44 -11.47 3.20 22.59
CA GLU B 44 -10.35 4.10 22.56
C GLU B 44 -9.40 3.65 21.47
N MET B 45 -8.91 4.59 20.67
CA MET B 45 -7.91 4.26 19.65
C MET B 45 -6.53 4.76 20.08
N LYS B 46 -6.47 5.58 21.13
CA LYS B 46 -5.20 6.20 21.52
C LYS B 46 -4.08 5.17 21.52
N GLY B 47 -3.02 5.48 20.79
CA GLY B 47 -1.89 4.61 20.71
C GLY B 47 -1.80 3.98 19.34
N ILE B 48 -2.94 3.76 18.69
CA ILE B 48 -2.93 3.28 17.29
C ILE B 48 -2.85 4.50 16.35
N PRO B 49 -1.74 4.60 15.60
CA PRO B 49 -1.59 5.70 14.66
C PRO B 49 -2.51 5.53 13.45
N PRO B 50 -3.11 6.62 12.97
CA PRO B 50 -3.98 6.57 11.81
C PRO B 50 -3.48 5.58 10.78
N GLY B 51 -2.20 5.72 10.43
CA GLY B 51 -1.60 4.99 9.30
C GLY B 51 -1.69 3.49 9.45
N ALA B 52 -2.08 3.04 10.63
CA ALA B 52 -2.18 1.62 10.89
C ALA B 52 -3.44 1.09 10.25
N TYR B 53 -4.51 1.86 10.28
CA TYR B 53 -5.82 1.40 9.86
C TYR B 53 -6.50 2.28 8.79
N PHE B 54 -5.86 3.40 8.49
CA PHE B 54 -6.39 4.29 7.47
C PHE B 54 -5.26 4.48 6.51
N ASP B 55 -5.59 4.56 5.23
CA ASP B 55 -4.59 4.49 4.18
C ASP B 55 -4.53 5.73 3.33
N GLY B 56 -5.37 6.71 3.64
CA GLY B 56 -5.52 7.91 2.82
C GLY B 56 -6.89 7.95 2.18
N ALA B 57 -7.26 6.86 1.53
CA ALA B 57 -8.55 6.80 0.86
C ALA B 57 -9.62 6.19 1.74
N ASP B 58 -9.27 5.10 2.42
CA ASP B 58 -10.20 4.21 3.09
C ASP B 58 -9.52 3.50 4.28
N TRP B 59 -10.26 2.63 4.98
CA TRP B 59 -9.70 1.72 5.95
C TRP B 59 -8.90 0.63 5.29
N LYS B 60 -7.90 0.12 6.03
CA LYS B 60 -6.99 -0.93 5.56
C LYS B 60 -7.72 -2.28 5.71
N GLY B 61 -9.02 -2.30 5.57
CA GLY B 61 -9.73 -3.55 5.72
C GLY B 61 -10.64 -3.57 6.92
N ILE B 62 -10.62 -4.69 7.62
CA ILE B 62 -11.57 -4.92 8.69
C ILE B 62 -10.86 -5.06 10.03
N PRO B 63 -11.34 -4.33 11.03
CA PRO B 63 -10.87 -4.32 12.41
C PRO B 63 -11.00 -5.69 13.11
N MET B 64 -9.90 -6.33 13.46
CA MET B 64 -10.02 -7.53 14.27
C MET B 64 -9.53 -7.36 15.68
N MET B 65 -10.33 -7.91 16.59
CA MET B 65 -10.16 -7.73 18.00
C MET B 65 -10.18 -9.02 18.72
N ILE B 66 -9.26 -9.15 19.68
CA ILE B 66 -9.20 -10.31 20.55
C ILE B 66 -9.15 -9.92 22.00
N GLY B 67 -10.12 -10.43 22.74
CA GLY B 67 -10.14 -10.38 24.19
C GLY B 67 -9.44 -11.63 24.67
N LEU B 68 -8.14 -11.51 24.91
CA LEU B 68 -7.36 -12.53 25.62
C LEU B 68 -7.64 -12.41 27.12
N PRO B 69 -8.42 -13.37 27.68
CA PRO B 69 -9.22 -13.13 28.91
C PRO B 69 -8.40 -12.89 30.20
N ASP B 70 -7.61 -11.80 30.17
CA ASP B 70 -6.49 -11.54 31.08
C ASP B 70 -6.31 -10.04 31.28
N GLN B 71 -7.37 -9.28 30.99
CA GLN B 71 -7.32 -7.80 30.82
C GLN B 71 -6.59 -7.36 29.54
N LEU B 72 -6.09 -8.35 28.80
CA LEU B 72 -5.28 -8.11 27.63
C LEU B 72 -6.09 -8.19 26.33
N GLN B 73 -5.98 -7.16 25.52
CA GLN B 73 -6.71 -7.15 24.28
C GLN B 73 -5.75 -6.93 23.14
N LEU B 74 -6.14 -7.42 21.96
CA LEU B 74 -5.29 -7.34 20.81
C LEU B 74 -6.05 -6.86 19.57
N PHE B 75 -5.42 -5.92 18.85
CA PHE B 75 -6.00 -5.30 17.68
C PHE B 75 -5.11 -5.56 16.48
N VAL B 76 -5.76 -5.85 15.36
CA VAL B 76 -5.05 -6.05 14.12
C VAL B 76 -6.02 -5.86 12.98
N MET B 77 -5.58 -5.19 11.94
CA MET B 77 -6.42 -5.08 10.75
C MET B 77 -6.30 -6.32 9.85
N VAL B 78 -7.40 -7.01 9.56
CA VAL B 78 -7.34 -8.08 8.54
C VAL B 78 -8.00 -7.73 7.23
N ASP B 79 -7.72 -8.52 6.20
CA ASP B 79 -8.20 -8.22 4.87
C ASP B 79 -9.59 -8.82 4.61
N ARG B 80 -10.13 -9.56 5.58
CA ARG B 80 -11.32 -10.43 5.38
C ARG B 80 -11.79 -11.13 6.66
N ARG B 81 -13.11 -11.34 6.75
CA ARG B 81 -13.65 -12.17 7.83
C ARG B 81 -13.53 -13.63 7.38
N ASP B 82 -13.00 -14.47 8.25
CA ASP B 82 -12.88 -15.88 7.88
C ASP B 82 -13.05 -16.90 9.01
N THR B 83 -13.98 -17.83 8.76
CA THR B 83 -14.35 -18.95 9.62
C THR B 83 -13.20 -19.88 9.93
N PHE B 84 -12.28 -20.03 8.98
CA PHE B 84 -11.06 -20.83 9.17
C PHE B 84 -9.82 -20.03 9.64
N GLY B 85 -9.96 -18.72 9.85
CA GLY B 85 -8.79 -17.92 10.22
C GLY B 85 -7.85 -17.57 9.07
N SER B 86 -8.15 -18.07 7.87
CA SER B 86 -7.41 -17.70 6.67
C SER B 86 -7.64 -16.25 6.30
N GLN B 87 -6.78 -15.37 6.80
CA GLN B 87 -6.82 -13.98 6.41
C GLN B 87 -5.40 -13.40 6.32
N HIS B 88 -5.24 -12.27 5.63
CA HIS B 88 -4.01 -11.51 5.61
C HIS B 88 -4.09 -10.37 6.62
N TYR B 89 -3.03 -10.20 7.43
CA TYR B 89 -2.96 -9.17 8.45
C TYR B 89 -2.35 -7.90 7.84
N LEU B 90 -3.07 -6.78 7.91
CA LEU B 90 -2.74 -5.60 7.12
C LEU B 90 -2.23 -4.45 7.95
N SER B 91 -1.96 -4.74 9.22
CA SER B 91 -1.44 -3.73 10.15
C SER B 91 -0.52 -4.44 11.07
N ASP B 92 0.30 -3.68 11.78
CA ASP B 92 1.01 -4.23 12.93
C ASP B 92 -0.01 -4.70 13.97
N VAL B 93 0.47 -5.35 15.01
CA VAL B 93 -0.39 -5.82 16.05
C VAL B 93 -0.26 -4.88 17.24
N TYR B 94 -1.37 -4.61 17.87
CA TYR B 94 -1.39 -3.73 19.03
C TYR B 94 -2.04 -4.42 20.22
N LEU B 95 -1.60 -4.05 21.43
CA LEU B 95 -2.16 -4.61 22.65
C LEU B 95 -2.53 -3.56 23.70
N ARG B 96 -3.39 -3.95 24.65
CA ARG B 96 -3.83 -3.07 25.75
C ARG B 96 -3.76 -3.78 27.10
N GLN B 97 -4.09 -3.06 28.17
CA GLN B 97 -4.03 -3.58 29.54
C GLN B 97 -5.18 -3.00 30.39
N ALA B 98 -5.15 -1.68 30.61
CA ALA B 98 -6.39 -0.91 30.77
C ALA B 98 -6.86 -0.46 32.12
N GLY B 100 -6.85 1.12 28.71
CA GLY B 100 -5.40 1.38 28.65
C GLY B 100 -5.01 2.03 27.33
N ASP B 101 -3.71 2.04 27.04
CA ASP B 101 -3.24 2.59 25.77
C ASP B 101 -2.67 1.54 24.84
N TRP B 102 -3.06 1.61 23.57
CA TRP B 102 -2.58 0.64 22.62
C TRP B 102 -1.12 0.88 22.38
N GLN B 103 -0.43 -0.20 22.02
CA GLN B 103 1.00 -0.24 22.09
C GLN B 103 1.53 -1.24 21.05
N CYS B 104 2.67 -0.94 20.43
CA CYS B 104 3.21 -1.80 19.38
C CYS B 104 4.57 -2.39 19.71
N PRO B 105 4.60 -3.42 20.54
CA PRO B 105 5.88 -3.81 21.13
C PRO B 105 6.70 -4.60 20.13
N ASP B 106 8.01 -4.59 20.28
CA ASP B 106 8.83 -5.31 19.33
C ASP B 106 8.49 -6.78 19.27
N PHE B 107 9.20 -7.48 18.42
CA PHE B 107 8.81 -8.82 18.05
C PHE B 107 9.02 -9.68 19.26
N GLU B 108 10.23 -9.62 19.80
CA GLU B 108 10.56 -10.38 20.99
C GLU B 108 9.49 -10.20 22.11
N PRO B 109 9.23 -8.94 22.54
CA PRO B 109 8.16 -8.75 23.52
C PRO B 109 6.76 -9.22 23.05
N LEU B 110 6.47 -9.06 21.75
CA LEU B 110 5.13 -9.40 21.24
C LEU B 110 4.91 -10.89 21.33
N VAL B 111 5.99 -11.63 21.18
CA VAL B 111 5.86 -13.07 21.23
C VAL B 111 5.76 -13.48 22.69
N ALA B 112 6.66 -12.93 23.50
CA ALA B 112 6.64 -13.15 24.92
C ALA B 112 5.20 -13.27 25.38
N ARG B 113 4.43 -12.26 25.02
CA ARG B 113 3.20 -11.94 25.69
C ARG B 113 1.99 -12.62 25.06
N LEU B 114 1.97 -12.72 23.74
CA LEU B 114 0.89 -13.45 23.09
C LEU B 114 0.94 -14.90 23.53
N LEU B 115 2.17 -15.43 23.61
CA LEU B 115 2.41 -16.75 24.13
C LEU B 115 2.02 -16.81 25.59
N ALA B 116 2.46 -15.81 26.35
CA ALA B 116 2.16 -15.80 27.76
C ALA B 116 0.66 -15.87 27.94
N ALA B 117 -0.09 -15.24 27.05
CA ALA B 117 -1.54 -15.31 27.05
C ALA B 117 -2.01 -16.71 26.72
N CYS B 118 -1.54 -17.23 25.58
CA CYS B 118 -1.93 -18.57 25.14
C CYS B 118 -1.77 -19.63 26.24
N GLU B 119 -0.71 -19.48 27.03
CA GLU B 119 -0.47 -20.33 28.20
C GLU B 119 -1.60 -20.32 29.23
N HIS B 120 -2.13 -19.13 29.53
CA HIS B 120 -3.22 -19.02 30.49
C HIS B 120 -4.48 -19.68 29.94
N ILE B 121 -4.71 -19.53 28.65
CA ILE B 121 -5.89 -20.11 28.03
C ILE B 121 -5.79 -21.63 27.87
N ALA B 122 -4.57 -22.16 27.79
CA ALA B 122 -4.39 -23.63 27.73
C ALA B 122 -3.88 -24.27 29.07
N GLY B 123 -3.76 -23.45 30.11
CA GLY B 123 -3.26 -23.90 31.41
C GLY B 123 -1.83 -24.45 31.43
N ARG B 124 -1.31 -24.77 30.26
CA ARG B 124 0.02 -25.36 30.10
C ARG B 124 1.08 -24.35 29.63
N LYS B 125 2.34 -24.57 30.01
CA LYS B 125 3.41 -23.63 29.74
C LYS B 125 4.55 -24.42 29.10
N ASN B 126 5.24 -23.80 28.15
CA ASN B 126 6.44 -24.41 27.61
C ASN B 126 7.60 -23.43 27.46
N PRO B 127 8.58 -23.53 28.39
CA PRO B 127 9.83 -22.71 28.40
C PRO B 127 10.61 -22.79 27.06
N GLU B 128 10.74 -24.04 26.62
CA GLU B 128 11.33 -24.42 25.35
C GLU B 128 10.71 -23.70 24.14
N LEU B 129 9.38 -23.78 24.05
CA LEU B 129 8.63 -23.23 22.95
C LEU B 129 9.05 -21.83 22.59
N TYR B 130 9.13 -20.97 23.59
CA TYR B 130 9.54 -19.59 23.36
C TYR B 130 10.88 -19.52 22.64
N GLU B 131 11.90 -20.13 23.21
CA GLU B 131 13.25 -19.96 22.70
C GLU B 131 13.29 -20.59 21.33
N GLN B 132 12.46 -21.61 21.12
CA GLN B 132 12.23 -22.15 19.76
C GLN B 132 11.67 -21.09 18.82
N ILE B 133 10.70 -20.29 19.28
CA ILE B 133 10.08 -19.34 18.35
C ILE B 133 11.08 -18.32 17.83
N LEU B 134 11.92 -17.83 18.74
CA LEU B 134 12.95 -16.87 18.35
C LEU B 134 14.00 -17.52 17.49
N GLN B 135 14.18 -18.84 17.60
CA GLN B 135 15.21 -19.51 16.79
C GLN B 135 14.68 -19.75 15.38
N SER B 136 13.41 -20.12 15.34
CA SER B 136 12.68 -20.27 14.11
C SER B 136 12.74 -18.96 13.35
N GLN B 137 12.57 -17.87 14.08
CA GLN B 137 12.54 -16.58 13.46
C GLN B 137 13.91 -16.17 12.99
N ARG B 138 14.91 -16.52 13.76
CA ARG B 138 16.23 -16.04 13.46
C ARG B 138 16.73 -16.77 12.22
N LEU B 139 16.41 -18.07 12.13
CA LEU B 139 16.77 -18.78 10.93
C LEU B 139 16.09 -18.09 9.78
N VAL B 140 14.78 -17.91 9.87
CA VAL B 140 14.05 -17.29 8.79
C VAL B 140 14.69 -16.00 8.27
N SER B 141 15.13 -15.11 9.14
CA SER B 141 15.94 -13.98 8.70
C SER B 141 17.05 -14.47 7.71
N ALA B 142 18.11 -15.10 8.26
CA ALA B 142 19.16 -15.77 7.51
C ALA B 142 18.70 -16.26 6.14
N ILE B 143 17.56 -16.97 6.07
CA ILE B 143 17.01 -17.54 4.83
C ILE B 143 16.56 -16.45 3.87
N VAL B 144 15.68 -15.57 4.33
CA VAL B 144 15.25 -14.46 3.50
C VAL B 144 16.48 -13.72 3.02
N SER B 145 17.38 -13.44 3.94
CA SER B 145 18.58 -12.67 3.65
C SER B 145 19.51 -13.26 2.62
N HIS B 146 19.70 -14.57 2.66
CA HIS B 146 20.48 -15.22 1.63
C HIS B 146 19.69 -15.35 0.28
N ASN B 147 18.38 -15.51 0.34
CA ASN B 147 17.63 -15.60 -0.90
C ASN B 147 17.04 -14.30 -1.43
N GLY B 148 17.19 -13.24 -0.64
CA GLY B 148 16.42 -12.02 -0.86
C GLY B 148 16.76 -11.22 -2.10
N ARG B 149 17.54 -11.84 -3.00
CA ARG B 149 18.07 -11.16 -4.21
C ARG B 149 17.69 -11.86 -5.56
N GLN B 150 16.94 -12.96 -5.50
CA GLN B 150 16.50 -13.72 -6.69
C GLN B 150 15.09 -13.32 -7.20
N ARG B 151 14.72 -13.77 -8.40
CA ARG B 151 13.34 -13.57 -8.87
C ARG B 151 12.35 -14.06 -7.81
N ALA B 152 11.37 -13.22 -7.46
CA ALA B 152 10.41 -13.54 -6.39
C ALA B 152 9.83 -14.96 -6.39
N ASP B 153 9.66 -15.51 -7.58
CA ASP B 153 8.88 -16.73 -7.75
C ASP B 153 9.69 -17.87 -8.36
N ALA B 154 11.00 -17.71 -8.43
CA ALA B 154 11.86 -18.74 -8.97
C ALA B 154 11.63 -20.11 -8.33
N PRO B 155 11.34 -20.17 -7.00
CA PRO B 155 11.04 -21.46 -6.39
C PRO B 155 10.04 -22.29 -7.21
N LEU B 156 9.09 -21.63 -7.86
CA LEU B 156 8.03 -22.37 -8.52
C LEU B 156 8.46 -22.99 -9.86
N GLN B 157 9.59 -22.52 -10.39
CA GLN B 157 10.06 -22.92 -11.72
C GLN B 157 10.51 -24.37 -11.81
N HIS B 158 10.69 -25.02 -10.67
CA HIS B 158 11.41 -26.29 -10.67
C HIS B 158 11.17 -27.06 -9.40
N TYR B 159 10.97 -28.37 -9.54
CA TYR B 159 10.64 -29.17 -8.38
C TYR B 159 11.58 -28.90 -7.22
N LEU B 160 12.88 -29.22 -7.38
CA LEU B 160 13.82 -29.09 -6.26
C LEU B 160 13.81 -27.71 -5.62
N GLN B 161 13.71 -26.69 -6.45
CA GLN B 161 13.80 -25.35 -5.96
C GLN B 161 12.57 -25.04 -5.16
N SER B 162 11.48 -25.72 -5.47
CA SER B 162 10.22 -25.48 -4.75
C SER B 162 10.25 -26.22 -3.45
N GLU B 163 11.01 -27.30 -3.46
CA GLU B 163 11.26 -28.03 -2.26
C GLU B 163 12.22 -27.20 -1.41
N GLN B 164 12.96 -26.31 -2.08
CA GLN B 164 13.92 -25.39 -1.44
C GLN B 164 13.45 -23.90 -1.20
N GLY B 165 12.17 -23.63 -1.44
CA GLY B 165 11.67 -22.27 -1.43
C GLY B 165 10.52 -22.04 -0.47
N LEU B 166 10.11 -23.09 0.22
CA LEU B 166 9.20 -22.87 1.32
C LEU B 166 10.07 -22.25 2.43
N TRP B 167 10.25 -20.91 2.38
CA TRP B 167 11.20 -20.18 3.23
C TRP B 167 10.66 -19.95 4.64
N PHE B 168 9.36 -19.70 4.72
CA PHE B 168 8.79 -19.30 5.99
C PHE B 168 8.26 -20.52 6.69
N GLY B 169 8.01 -21.53 5.86
CA GLY B 169 7.67 -22.87 6.30
C GLY B 169 6.24 -22.92 6.70
N HIS B 170 5.96 -23.75 7.71
CA HIS B 170 4.61 -24.01 8.15
C HIS B 170 3.90 -22.68 8.47
N PRO B 171 2.80 -22.44 7.73
CA PRO B 171 2.11 -21.18 7.77
C PRO B 171 1.22 -21.07 9.01
N SER B 172 1.01 -22.19 9.70
CA SER B 172 0.10 -22.23 10.85
C SER B 172 0.78 -22.95 12.02
N HIS B 173 2.00 -22.55 12.28
CA HIS B 173 2.82 -23.23 13.24
C HIS B 173 3.70 -22.20 13.98
N PRO B 174 3.94 -22.37 15.28
CA PRO B 174 4.75 -21.36 15.98
C PRO B 174 6.25 -21.38 15.71
N ALA B 175 6.82 -22.55 15.53
CA ALA B 175 8.25 -22.64 15.26
C ALA B 175 8.50 -23.38 13.91
N PRO B 176 8.09 -22.73 12.81
CA PRO B 176 8.21 -23.40 11.53
C PRO B 176 9.64 -23.84 11.25
N LYS B 177 10.63 -23.13 11.81
CA LYS B 177 12.03 -23.35 11.45
C LYS B 177 12.90 -23.73 12.61
N ALA B 178 12.25 -24.20 13.68
CA ALA B 178 12.93 -24.73 14.86
C ALA B 178 13.48 -26.10 14.52
N ARG B 179 14.73 -26.15 14.07
CA ARG B 179 15.51 -27.39 13.96
C ARG B 179 16.57 -27.21 15.01
N LEU B 180 16.81 -28.27 15.78
CA LEU B 180 17.43 -28.16 17.10
C LEU B 180 18.49 -29.24 17.34
N TRP B 181 19.61 -29.10 16.66
CA TRP B 181 20.66 -30.10 16.75
C TRP B 181 21.87 -29.35 17.24
N PRO B 182 22.84 -30.03 17.90
CA PRO B 182 24.02 -29.29 18.40
C PRO B 182 24.63 -28.31 17.34
N ALA B 183 24.62 -27.02 17.65
CA ALA B 183 24.91 -25.98 16.66
C ALA B 183 26.38 -25.83 16.26
N HIS B 184 27.21 -26.77 16.70
CA HIS B 184 28.55 -26.91 16.21
C HIS B 184 28.48 -27.91 15.06
N LEU B 185 27.26 -28.30 14.73
CA LEU B 185 26.98 -29.03 13.50
C LEU B 185 26.40 -28.07 12.48
N GLY B 186 26.12 -26.85 12.95
CA GLY B 186 25.67 -25.77 12.09
C GLY B 186 24.32 -26.02 11.46
N GLN B 187 23.89 -25.03 10.69
CA GLN B 187 22.54 -25.01 10.12
C GLN B 187 22.50 -25.08 8.61
N GLU B 188 22.99 -24.03 7.94
CA GLU B 188 22.85 -23.87 6.49
C GLU B 188 23.55 -24.92 5.57
N GLN B 189 24.28 -25.86 6.15
CA GLN B 189 24.83 -26.96 5.38
C GLN B 189 23.70 -27.97 5.25
N TRP B 190 22.71 -27.89 6.13
CA TRP B 190 21.67 -28.90 6.21
C TRP B 190 20.30 -28.38 5.80
N ALA B 191 20.27 -27.22 5.14
CA ALA B 191 19.02 -26.50 4.88
C ALA B 191 18.62 -26.33 3.40
N PRO B 192 17.38 -26.72 3.07
CA PRO B 192 16.93 -26.55 1.66
C PRO B 192 17.01 -25.09 1.20
N GLU B 193 16.94 -24.15 2.15
CA GLU B 193 16.82 -22.74 1.83
C GLU B 193 18.18 -22.20 1.57
N PHE B 194 19.17 -23.07 1.64
CA PHE B 194 20.49 -22.61 1.33
C PHE B 194 21.02 -23.49 0.25
N GLN B 195 20.10 -24.12 -0.49
CA GLN B 195 20.39 -24.99 -1.68
C GLN B 195 21.45 -26.03 -1.31
N ALA B 196 21.41 -26.40 -0.03
CA ALA B 196 22.46 -27.20 0.59
C ALA B 196 22.59 -28.50 -0.17
N ARG B 197 23.82 -29.02 -0.23
CA ARG B 197 24.09 -30.33 -0.80
C ARG B 197 25.02 -31.02 0.13
N ALA B 198 24.84 -32.30 0.35
CA ALA B 198 25.82 -33.01 1.18
C ALA B 198 25.98 -34.39 0.63
N ALA B 199 27.16 -34.97 0.78
CA ALA B 199 27.31 -36.39 0.54
C ALA B 199 26.79 -37.04 1.80
N LEU B 200 25.97 -38.07 1.71
CA LEU B 200 25.40 -38.62 2.94
C LEU B 200 26.43 -39.43 3.68
N HIS B 201 26.23 -39.60 4.98
CA HIS B 201 27.21 -40.23 5.87
C HIS B 201 27.02 -41.70 5.77
N GLN B 202 28.10 -42.46 5.50
CA GLN B 202 27.90 -43.93 5.31
C GLN B 202 28.41 -44.77 6.45
N PHE B 203 28.00 -46.04 6.51
CA PHE B 203 28.49 -46.97 7.53
C PHE B 203 28.62 -48.34 6.91
N GLU B 204 29.67 -49.09 7.27
CA GLU B 204 29.75 -50.49 6.85
C GLU B 204 29.29 -51.43 7.96
N VAL B 205 28.24 -52.20 7.68
CA VAL B 205 27.64 -53.02 8.71
C VAL B 205 27.50 -54.44 8.20
N PRO B 206 27.56 -55.45 9.11
CA PRO B 206 27.48 -56.85 8.67
C PRO B 206 26.08 -57.22 8.26
N VAL B 207 25.91 -57.96 7.16
CA VAL B 207 24.55 -58.35 6.69
C VAL B 207 23.72 -59.09 7.74
N ASP B 208 24.37 -59.50 8.82
CA ASP B 208 23.75 -60.13 10.00
C ASP B 208 22.53 -59.44 10.57
N GLY B 209 22.57 -58.12 10.60
CA GLY B 209 21.58 -57.34 11.30
C GLY B 209 20.68 -56.51 10.41
N LEU B 210 20.84 -56.60 9.10
CA LEU B 210 20.01 -55.82 8.22
C LEU B 210 18.58 -56.28 8.39
N HIS B 211 17.63 -55.35 8.41
CA HIS B 211 16.25 -55.67 8.16
C HIS B 211 15.92 -54.93 6.92
N ILE B 212 15.62 -55.68 5.87
CA ILE B 212 15.17 -55.09 4.62
C ILE B 212 13.73 -55.44 4.35
N GLY B 213 12.93 -54.41 4.07
CA GLY B 213 11.59 -54.59 3.50
C GLY B 213 11.57 -54.06 2.05
N ALA B 214 11.32 -54.93 1.10
CA ALA B 214 11.35 -54.53 -0.30
C ALA B 214 9.99 -54.85 -0.88
N ASN B 215 9.57 -54.11 -1.92
CA ASN B 215 8.39 -54.52 -2.72
C ASN B 215 8.63 -54.42 -4.21
N GLY B 216 8.69 -55.60 -4.85
CA GLY B 216 9.04 -55.66 -6.25
C GLY B 216 10.48 -55.20 -6.47
N LEU B 217 11.26 -55.17 -5.39
CA LEU B 217 12.73 -54.91 -5.43
C LEU B 217 13.45 -55.97 -4.63
N THR B 218 14.65 -56.31 -5.07
CA THR B 218 15.52 -57.31 -4.38
C THR B 218 16.10 -56.66 -3.14
N PRO B 219 16.12 -57.38 -2.00
CA PRO B 219 16.74 -56.73 -0.83
C PRO B 219 18.05 -56.08 -1.21
N GLN B 220 18.83 -56.75 -2.05
CA GLN B 220 20.03 -56.12 -2.63
C GLN B 220 19.79 -54.79 -3.39
N GLN B 221 18.72 -54.74 -4.18
CA GLN B 221 18.34 -53.59 -5.01
C GLN B 221 17.94 -52.38 -4.17
N VAL B 222 17.39 -52.64 -2.97
CA VAL B 222 17.10 -51.62 -1.94
C VAL B 222 18.42 -51.00 -1.50
N LEU B 223 19.34 -51.83 -1.05
CA LEU B 223 20.62 -51.32 -0.62
C LEU B 223 21.24 -50.46 -1.72
N ASP B 224 21.29 -50.98 -2.95
CA ASP B 224 21.97 -50.18 -3.96
C ASP B 224 21.28 -48.81 -4.16
N GLY B 225 19.99 -48.73 -3.85
CA GLY B 225 19.26 -47.45 -3.85
C GLY B 225 19.77 -46.44 -2.82
N PHE B 226 20.09 -46.91 -1.60
CA PHE B 226 20.59 -46.03 -0.52
C PHE B 226 22.05 -45.73 -0.67
N ALA B 227 22.83 -46.74 -1.01
CA ALA B 227 24.26 -46.59 -1.04
C ALA B 227 24.89 -47.49 -2.11
N ASP B 228 25.91 -46.95 -2.79
CA ASP B 228 26.77 -47.76 -3.61
C ASP B 228 27.36 -48.89 -2.76
N GLN B 229 26.76 -50.06 -2.88
CA GLN B 229 27.09 -51.19 -2.06
C GLN B 229 28.50 -51.73 -2.20
N GLN B 230 29.23 -51.32 -3.25
CA GLN B 230 30.50 -51.99 -3.59
C GLN B 230 31.57 -51.96 -2.47
N PRO B 231 31.86 -50.79 -1.93
CA PRO B 231 32.88 -50.61 -0.91
C PRO B 231 32.78 -51.54 0.30
N ALA B 232 31.75 -52.37 0.35
CA ALA B 232 31.63 -53.31 1.46
C ALA B 232 32.35 -54.63 1.23
N SER B 233 33.15 -55.01 2.22
CA SER B 233 33.74 -56.33 2.32
C SER B 233 32.61 -57.34 2.43
N PRO B 234 32.85 -58.62 1.98
CA PRO B 234 31.75 -59.60 1.98
C PRO B 234 31.20 -59.87 3.39
N GLY B 235 29.96 -60.34 3.44
CA GLY B 235 29.25 -60.48 4.73
C GLY B 235 28.81 -59.11 5.21
N HIS B 236 29.12 -58.07 4.44
CA HIS B 236 28.80 -56.72 4.86
C HIS B 236 27.97 -55.92 3.87
N ALA B 237 27.55 -54.72 4.31
CA ALA B 237 26.64 -53.86 3.58
C ALA B 237 26.82 -52.42 4.01
N ILE B 238 26.41 -51.49 3.14
CA ILE B 238 26.56 -50.07 3.41
C ILE B 238 25.25 -49.35 3.54
N ILE B 239 24.97 -48.95 4.78
CA ILE B 239 23.79 -48.14 5.14
C ILE B 239 24.28 -46.71 5.11
N CYS B 240 23.35 -45.77 4.94
CA CYS B 240 23.71 -44.37 5.03
C CYS B 240 22.74 -43.56 5.91
N MET B 241 23.21 -42.45 6.48
CA MET B 241 22.43 -41.62 7.38
C MET B 241 22.45 -40.19 6.93
N HIS B 242 21.55 -39.39 7.50
CA HIS B 242 21.75 -37.95 7.56
C HIS B 242 23.01 -37.66 8.38
N PRO B 243 23.94 -36.88 7.85
CA PRO B 243 25.19 -36.69 8.54
C PRO B 243 25.02 -36.12 9.99
N VAL B 244 23.96 -35.38 10.23
CA VAL B 244 23.71 -34.91 11.57
C VAL B 244 23.29 -36.13 12.42
N GLN B 245 22.40 -36.96 11.89
CA GLN B 245 21.95 -38.15 12.62
C GLN B 245 23.16 -39.01 12.93
N ALA B 246 24.17 -38.87 12.10
CA ALA B 246 25.33 -39.73 12.20
C ALA B 246 26.25 -39.31 13.34
N GLN B 247 26.30 -38.01 13.67
CA GLN B 247 27.05 -37.57 14.87
C GLN B 247 26.37 -37.94 16.21
N LEU B 248 25.05 -37.72 16.25
CA LEU B 248 24.22 -38.16 17.37
C LEU B 248 24.29 -39.70 17.48
N PHE B 249 23.97 -40.40 16.40
CA PHE B 249 24.06 -41.83 16.39
C PHE B 249 25.36 -42.32 17.04
N MET B 250 26.43 -41.60 16.78
CA MET B 250 27.73 -42.06 17.21
C MET B 250 28.06 -41.61 18.61
N GLN B 251 27.11 -41.04 19.31
CA GLN B 251 27.41 -40.60 20.65
C GLN B 251 26.91 -41.61 21.68
N ASP B 252 26.20 -42.60 21.16
CA ASP B 252 25.61 -43.58 21.99
C ASP B 252 26.71 -44.54 22.37
N ALA B 253 26.83 -44.83 23.67
CA ALA B 253 27.90 -45.70 24.15
C ALA B 253 27.77 -47.06 23.52
N ARG B 254 26.53 -47.42 23.17
CA ARG B 254 26.25 -48.65 22.43
C ARG B 254 27.02 -48.64 21.09
N VAL B 255 26.95 -47.54 20.34
CA VAL B 255 27.69 -47.45 19.05
C VAL B 255 29.22 -47.31 19.15
N GLN B 256 29.69 -46.51 20.09
CA GLN B 256 31.13 -46.51 20.39
C GLN B 256 31.66 -47.94 20.53
N GLN B 257 30.98 -48.75 21.34
CA GLN B 257 31.34 -50.15 21.53
C GLN B 257 31.52 -50.87 20.18
N LEU B 258 30.47 -50.79 19.38
CA LEU B 258 30.46 -51.29 18.04
C LEU B 258 31.60 -50.79 17.18
N LEU B 259 31.96 -49.51 17.31
CA LEU B 259 33.09 -48.95 16.55
C LEU B 259 34.47 -49.40 17.10
N ARG B 260 34.62 -49.33 18.42
CA ARG B 260 35.80 -49.79 19.15
C ARG B 260 36.10 -51.26 18.81
N ASP B 261 35.07 -51.99 18.40
CA ASP B 261 35.18 -53.43 18.19
C ASP B 261 35.09 -53.72 16.72
N ASN B 262 35.11 -52.66 15.92
CA ASN B 262 35.01 -52.82 14.51
C ASN B 262 34.01 -53.91 14.08
N VAL B 263 32.86 -53.86 14.74
CA VAL B 263 31.70 -54.61 14.29
C VAL B 263 31.13 -53.76 13.19
N ILE B 264 31.31 -52.46 13.29
CA ILE B 264 30.86 -51.58 12.22
C ILE B 264 31.90 -50.53 12.01
N ARG B 265 32.07 -50.14 10.75
CA ARG B 265 33.02 -49.11 10.41
C ARG B 265 32.31 -47.82 10.07
N ASP B 266 32.81 -46.72 10.65
CA ASP B 266 32.41 -45.37 10.23
C ASP B 266 33.08 -44.98 8.92
N LEU B 267 32.37 -45.05 7.81
CA LEU B 267 32.88 -44.48 6.57
C LEU B 267 32.70 -42.95 6.63
N GLY B 268 33.14 -42.23 5.60
CA GLY B 268 33.06 -40.78 5.72
C GLY B 268 31.63 -40.25 5.69
N GLN B 269 31.51 -38.99 5.36
CA GLN B 269 30.36 -38.54 4.59
C GLN B 269 30.81 -38.90 3.19
N SER B 270 30.51 -40.14 2.81
CA SER B 270 31.13 -40.72 1.64
C SER B 270 30.07 -41.21 0.67
N GLY B 271 28.79 -41.09 1.07
CA GLY B 271 27.65 -41.48 0.24
C GLY B 271 27.38 -40.55 -0.94
N ARG B 272 26.19 -40.70 -1.51
CA ARG B 272 25.84 -39.86 -2.64
C ARG B 272 25.68 -38.43 -2.14
N VAL B 273 26.03 -37.50 -2.99
CA VAL B 273 25.74 -36.11 -2.76
C VAL B 273 24.30 -35.80 -3.18
N ALA B 274 23.47 -35.50 -2.20
CA ALA B 274 22.06 -35.25 -2.48
C ALA B 274 21.71 -33.91 -1.87
N SER B 275 20.53 -33.38 -2.20
CA SER B 275 20.00 -32.16 -1.59
C SER B 275 18.90 -32.51 -0.61
N PRO B 276 18.98 -32.00 0.63
CA PRO B 276 17.85 -32.23 1.53
C PRO B 276 16.56 -31.55 1.02
N THR B 277 15.39 -32.16 1.23
CA THR B 277 14.12 -31.52 0.85
C THR B 277 13.47 -30.78 1.98
N ALA B 278 12.28 -30.23 1.74
CA ALA B 278 11.64 -29.31 2.67
C ALA B 278 11.42 -29.95 4.06
N SER B 279 11.22 -31.27 4.06
CA SER B 279 11.05 -32.00 5.31
C SER B 279 12.36 -32.44 5.86
N ILE B 280 13.42 -31.72 5.52
CA ILE B 280 14.76 -31.84 6.14
C ILE B 280 15.52 -33.18 6.00
N ARG B 281 14.88 -34.29 6.41
CA ARG B 281 15.50 -35.66 6.49
C ARG B 281 15.28 -36.57 5.25
N THR B 282 14.53 -36.06 4.28
CA THR B 282 14.43 -36.72 3.04
C THR B 282 15.41 -35.98 2.16
N TRP B 283 15.98 -36.70 1.20
CA TRP B 283 17.02 -36.19 0.37
C TRP B 283 16.62 -36.45 -1.07
N PHE B 284 17.07 -35.59 -1.97
CA PHE B 284 16.78 -35.67 -3.39
C PHE B 284 18.04 -35.67 -4.26
N ILE B 285 18.30 -36.80 -4.89
CA ILE B 285 19.33 -36.92 -5.92
C ILE B 285 18.59 -36.89 -7.23
N ASP B 286 19.02 -36.01 -8.15
CA ASP B 286 18.38 -35.89 -9.44
C ASP B 286 18.63 -37.04 -10.40
N ASP B 287 17.54 -37.56 -10.95
CA ASP B 287 17.59 -38.86 -11.64
C ASP B 287 18.39 -39.79 -10.79
N HIS B 288 17.86 -40.08 -9.63
CA HIS B 288 18.21 -41.30 -8.97
C HIS B 288 16.83 -41.83 -8.73
N ASP B 289 16.71 -43.14 -8.67
CA ASP B 289 15.39 -43.71 -8.69
C ASP B 289 14.52 -43.33 -7.49
N TYR B 290 15.17 -42.81 -6.44
CA TYR B 290 14.52 -42.58 -5.12
C TYR B 290 14.96 -41.30 -4.52
N PHE B 291 14.12 -40.84 -3.59
CA PHE B 291 14.55 -39.98 -2.47
C PHE B 291 15.02 -40.97 -1.41
N ILE B 292 15.85 -40.49 -0.49
CA ILE B 292 16.18 -41.27 0.69
C ILE B 292 15.58 -40.59 1.86
N LYS B 293 14.57 -41.23 2.45
CA LYS B 293 13.88 -40.77 3.68
C LYS B 293 14.54 -41.38 4.90
N GLY B 294 15.52 -40.70 5.45
CA GLY B 294 16.20 -41.23 6.62
C GLY B 294 15.58 -40.72 7.90
N SER B 295 15.98 -41.30 9.03
CA SER B 295 15.53 -40.89 10.33
C SER B 295 16.42 -39.73 10.74
N LEU B 296 16.05 -39.07 11.83
CA LEU B 296 16.72 -37.90 12.37
C LEU B 296 16.10 -37.57 13.71
N ASN B 297 16.94 -37.58 14.73
CA ASN B 297 16.54 -37.44 16.13
C ASN B 297 16.47 -35.97 16.61
N VAL B 298 15.61 -35.18 15.99
CA VAL B 298 15.55 -33.75 16.20
C VAL B 298 14.11 -33.31 15.99
N ARG B 299 13.61 -32.48 16.92
CA ARG B 299 12.34 -31.76 16.75
C ARG B 299 12.42 -30.94 15.48
N ILE B 300 11.52 -31.20 14.56
CA ILE B 300 11.44 -30.34 13.40
C ILE B 300 9.99 -29.98 13.19
N THR B 301 9.69 -28.73 13.48
CA THR B 301 8.33 -28.29 13.78
C THR B 301 7.89 -29.14 14.97
N ASN B 302 6.78 -29.87 14.78
CA ASN B 302 6.10 -30.67 15.80
C ASN B 302 6.86 -31.82 16.48
N CYS B 303 7.45 -32.70 15.68
CA CYS B 303 7.89 -34.02 16.12
C CYS B 303 9.39 -34.20 16.13
N VAL B 304 9.78 -35.45 16.39
CA VAL B 304 11.13 -35.91 16.31
C VAL B 304 11.14 -36.87 15.12
N ARG B 305 11.84 -36.50 14.04
CA ARG B 305 11.68 -37.24 12.78
C ARG B 305 12.47 -38.56 12.68
N LYS B 306 12.47 -39.31 13.78
CA LYS B 306 12.70 -40.76 13.75
C LYS B 306 11.76 -41.44 12.75
N ASN B 307 12.26 -42.48 12.11
CA ASN B 307 11.38 -43.50 11.53
C ASN B 307 11.31 -44.56 12.58
N ALA B 308 10.16 -44.68 13.22
CA ALA B 308 9.99 -45.57 14.36
C ALA B 308 10.11 -46.99 13.83
N TRP B 309 10.65 -47.90 14.66
CA TRP B 309 10.90 -49.27 14.24
C TRP B 309 9.72 -49.90 13.53
N TYR B 310 8.51 -49.70 14.07
CA TYR B 310 7.26 -50.26 13.55
C TYR B 310 6.73 -49.47 12.38
N GLU B 311 7.07 -48.19 12.33
CA GLU B 311 6.78 -47.35 11.17
C GLU B 311 7.56 -47.84 9.99
N LEU B 312 8.74 -48.37 10.26
CA LEU B 312 9.55 -48.93 9.19
C LEU B 312 8.94 -50.22 8.63
N GLU B 313 8.31 -51.04 9.47
CA GLU B 313 7.58 -52.20 8.93
C GLU B 313 6.32 -51.76 8.15
N SER B 314 5.61 -50.78 8.71
CA SER B 314 4.32 -50.33 8.19
C SER B 314 4.43 -49.70 6.81
N THR B 315 5.58 -49.11 6.52
CA THR B 315 5.82 -48.47 5.24
C THR B 315 5.67 -49.47 4.07
N VAL B 316 6.46 -50.53 4.14
CA VAL B 316 6.36 -51.70 3.29
C VAL B 316 4.91 -52.10 3.06
N LEU B 317 4.22 -52.37 4.14
CA LEU B 317 2.86 -52.88 4.12
C LEU B 317 1.93 -51.90 3.41
N ILE B 318 1.99 -50.62 3.78
CA ILE B 318 1.23 -49.57 3.10
C ILE B 318 1.56 -49.58 1.60
N ASP B 319 2.84 -49.65 1.27
CA ASP B 319 3.25 -49.64 -0.11
C ASP B 319 2.59 -50.79 -0.85
N ARG B 320 2.68 -51.98 -0.27
CA ARG B 320 2.08 -53.18 -0.85
C ARG B 320 0.58 -53.02 -0.95
N LEU B 321 0.03 -52.21 -0.05
CA LEU B 321 -1.40 -51.96 -0.13
C LEU B 321 -1.69 -51.02 -1.27
N PHE B 322 -0.88 -49.97 -1.40
CA PHE B 322 -1.16 -48.98 -2.43
C PHE B 322 -1.10 -49.51 -3.81
N ARG B 323 -0.24 -50.49 -4.05
CA ARG B 323 -0.21 -51.25 -5.30
C ARG B 323 -1.45 -52.12 -5.52
N GLN B 324 -1.75 -53.00 -4.56
CA GLN B 324 -2.93 -53.84 -4.64
C GLN B 324 -4.15 -53.01 -5.00
N LEU B 325 -4.28 -51.84 -4.37
CA LEU B 325 -5.38 -50.93 -4.70
C LEU B 325 -5.29 -50.34 -6.11
N LEU B 326 -4.18 -49.68 -6.42
CA LEU B 326 -3.92 -49.12 -7.75
C LEU B 326 -4.10 -50.13 -8.86
N ASP B 327 -3.44 -51.27 -8.72
CA ASP B 327 -3.53 -52.27 -9.77
C ASP B 327 -4.96 -52.61 -10.07
N GLN B 328 -5.76 -52.60 -9.04
CA GLN B 328 -6.90 -53.49 -8.95
C GLN B 328 -8.22 -52.83 -8.62
N HIS B 329 -8.22 -51.76 -7.83
CA HIS B 329 -9.46 -51.01 -7.57
C HIS B 329 -9.27 -49.56 -8.03
N ALA B 330 -8.69 -49.39 -9.21
CA ALA B 330 -8.44 -48.07 -9.81
C ALA B 330 -9.64 -47.12 -9.80
N ASP B 331 -10.73 -47.58 -10.41
CA ASP B 331 -12.00 -46.85 -10.47
C ASP B 331 -12.35 -46.17 -9.15
N THR B 332 -12.22 -46.93 -8.06
CA THR B 332 -12.74 -46.50 -6.79
C THR B 332 -11.73 -45.67 -5.98
N LEU B 333 -10.65 -45.25 -6.64
CA LEU B 333 -9.63 -44.39 -6.01
C LEU B 333 -9.72 -42.94 -6.48
N GLY B 334 -10.69 -42.67 -7.35
CA GLY B 334 -10.97 -41.33 -7.88
C GLY B 334 -9.78 -40.64 -8.52
N GLY B 335 -8.88 -41.41 -9.10
CA GLY B 335 -7.77 -40.87 -9.86
C GLY B 335 -6.44 -40.73 -9.14
N LEU B 336 -6.20 -41.57 -8.13
CA LEU B 336 -5.01 -41.46 -7.29
C LEU B 336 -3.63 -41.48 -8.00
N VAL B 337 -2.79 -40.48 -7.70
CA VAL B 337 -1.35 -40.57 -7.98
C VAL B 337 -0.61 -40.57 -6.65
N ALA B 338 0.27 -41.54 -6.49
CA ALA B 338 0.95 -41.80 -5.25
C ALA B 338 2.41 -42.17 -5.52
N ALA B 339 3.31 -41.69 -4.67
CA ALA B 339 4.70 -42.10 -4.73
C ALA B 339 4.84 -43.41 -4.01
N ALA B 340 5.41 -44.42 -4.67
CA ALA B 340 5.86 -45.62 -3.97
C ALA B 340 6.74 -45.27 -2.73
N GLU B 341 6.71 -46.17 -1.76
CA GLU B 341 7.79 -46.28 -0.80
C GLU B 341 8.20 -47.75 -0.86
N PRO B 342 8.95 -48.11 -1.90
CA PRO B 342 9.22 -49.51 -2.26
C PRO B 342 10.12 -50.32 -1.33
N GLY B 343 10.90 -49.65 -0.49
CA GLY B 343 12.08 -50.25 0.11
C GLY B 343 12.53 -49.55 1.37
N VAL B 344 12.93 -50.37 2.34
CA VAL B 344 13.23 -49.93 3.69
C VAL B 344 14.40 -50.73 4.22
N VAL B 345 15.29 -50.05 4.93
CA VAL B 345 16.42 -50.74 5.50
C VAL B 345 16.75 -50.20 6.87
N SER B 346 16.96 -51.11 7.82
CA SER B 346 17.49 -50.75 9.14
C SER B 346 18.50 -51.80 9.55
N TRP B 347 19.35 -51.45 10.50
CA TRP B 347 20.35 -52.39 11.05
C TRP B 347 20.22 -52.45 12.56
N SER B 348 20.59 -53.59 13.12
CA SER B 348 20.73 -53.72 14.57
C SER B 348 21.60 -54.92 14.81
N PRO B 349 22.41 -54.89 15.87
CA PRO B 349 23.35 -55.96 16.12
C PRO B 349 22.61 -57.31 16.15
N ALA B 350 23.18 -58.33 15.52
CA ALA B 350 22.48 -59.61 15.41
C ALA B 350 22.04 -59.98 16.83
N ALA B 351 23.06 -60.19 17.65
CA ALA B 351 23.05 -60.07 19.10
C ALA B 351 21.89 -59.46 19.85
N ALA B 352 21.80 -58.13 19.78
CA ALA B 352 21.19 -57.33 20.87
C ALA B 352 19.72 -57.66 21.12
N GLY B 353 19.25 -57.30 22.31
CA GLY B 353 17.91 -57.62 22.76
C GLY B 353 17.02 -56.41 22.64
N GLU B 354 15.74 -56.67 22.39
CA GLU B 354 14.84 -55.71 21.76
C GLU B 354 14.52 -54.34 22.43
N LEU B 355 15.15 -53.94 23.55
CA LEU B 355 15.13 -52.46 23.78
C LEU B 355 16.07 -51.86 22.75
N ASP B 356 17.24 -52.49 22.67
CA ASP B 356 18.24 -52.06 21.74
C ASP B 356 17.80 -52.29 20.32
N SER B 357 17.63 -53.55 19.92
CA SER B 357 17.35 -53.84 18.53
C SER B 357 16.50 -52.69 18.00
N HIS B 358 15.34 -52.48 18.64
CA HIS B 358 14.46 -51.38 18.29
C HIS B 358 15.26 -50.09 18.08
N TRP B 359 15.78 -49.55 19.19
CA TRP B 359 16.57 -48.31 19.15
C TRP B 359 17.49 -48.16 17.87
N PHE B 360 18.19 -49.20 17.47
CA PHE B 360 19.12 -49.06 16.38
C PHE B 360 18.29 -48.95 15.12
N ARG B 361 17.40 -49.92 14.92
CA ARG B 361 16.50 -49.90 13.79
C ARG B 361 15.96 -48.49 13.57
N GLU B 362 15.94 -47.69 14.62
CA GLU B 362 15.29 -46.40 14.59
C GLU B 362 16.25 -45.29 14.24
N GLN B 363 17.52 -45.58 14.40
CA GLN B 363 18.60 -44.59 14.29
C GLN B 363 19.20 -44.80 12.94
N THR B 364 19.19 -46.07 12.55
CA THR B 364 19.68 -46.51 11.26
C THR B 364 18.61 -46.54 10.19
N GLY B 365 17.36 -46.30 10.53
CA GLY B 365 16.25 -46.52 9.61
C GLY B 365 16.26 -45.75 8.29
N GLY B 366 15.89 -46.40 7.21
CA GLY B 366 15.87 -45.70 5.95
C GLY B 366 14.73 -46.19 5.10
N ILE B 367 14.10 -45.25 4.42
CA ILE B 367 13.04 -45.56 3.46
C ILE B 367 13.33 -44.92 2.10
N LEU B 368 13.22 -45.69 1.04
CA LEU B 368 13.25 -45.14 -0.33
C LEU B 368 11.85 -44.65 -0.71
N ARG B 369 11.76 -43.48 -1.33
CA ARG B 369 10.56 -43.11 -2.10
C ARG B 369 10.84 -42.86 -3.57
N GLU B 370 9.91 -43.30 -4.41
CA GLU B 370 9.91 -43.09 -5.87
C GLU B 370 10.24 -41.63 -6.22
N ASN B 371 11.36 -41.38 -6.90
CA ASN B 371 11.67 -40.06 -7.44
C ASN B 371 10.69 -39.82 -8.55
N PHE B 372 9.58 -39.19 -8.19
CA PHE B 372 8.44 -39.17 -9.08
C PHE B 372 8.62 -38.20 -10.23
N CYS B 373 9.62 -37.33 -10.17
CA CYS B 373 9.84 -36.38 -11.23
C CYS B 373 10.35 -37.10 -12.44
N ARG B 374 10.56 -38.39 -12.33
CA ARG B 374 10.98 -39.12 -13.52
C ARG B 374 9.79 -39.58 -14.30
N ARG B 375 8.72 -39.84 -13.58
CA ARG B 375 7.42 -40.11 -14.13
C ARG B 375 6.61 -38.81 -14.44
N THR B 376 6.93 -37.71 -13.75
CA THR B 376 6.12 -36.47 -13.76
C THR B 376 6.83 -35.23 -14.30
N GLY B 377 8.13 -35.29 -14.51
CA GLY B 377 8.89 -34.15 -15.04
C GLY B 377 9.24 -33.08 -14.02
N ALA B 378 10.52 -33.00 -13.64
CA ALA B 378 10.96 -32.05 -12.64
C ALA B 378 10.51 -30.58 -12.84
N GLU B 379 10.49 -30.08 -14.08
CA GLU B 379 10.01 -28.70 -14.39
C GLU B 379 8.50 -28.61 -14.55
N ARG B 380 7.78 -29.64 -14.11
CA ARG B 380 6.35 -29.65 -14.26
C ARG B 380 5.67 -30.02 -12.98
N SER B 381 6.44 -30.07 -11.88
CA SER B 381 6.01 -30.58 -10.57
C SER B 381 6.45 -29.63 -9.48
N ILE B 382 5.52 -29.16 -8.66
CA ILE B 382 5.83 -28.12 -7.68
C ILE B 382 5.19 -28.51 -6.36
N MET B 383 5.92 -28.44 -5.24
CA MET B 383 5.29 -28.86 -4.00
C MET B 383 4.27 -27.82 -3.62
N ALA B 384 3.07 -28.28 -3.25
CA ALA B 384 1.93 -27.41 -2.88
C ALA B 384 2.30 -26.34 -1.87
N GLY B 385 2.91 -26.77 -0.77
CA GLY B 385 3.24 -25.87 0.34
C GLY B 385 3.90 -24.60 -0.09
N THR B 386 4.92 -24.77 -0.94
CA THR B 386 5.64 -23.68 -1.64
C THR B 386 4.80 -23.05 -2.75
N LEU B 387 4.06 -23.87 -3.49
CA LEU B 387 3.22 -23.35 -4.55
C LEU B 387 2.33 -22.24 -4.05
N PHE B 388 1.93 -22.40 -2.80
CA PHE B 388 1.03 -21.46 -2.19
C PHE B 388 1.65 -20.59 -1.09
N ALA B 389 2.98 -20.54 -1.00
CA ALA B 389 3.59 -19.72 0.06
C ALA B 389 3.90 -18.31 -0.40
N ARG B 390 4.34 -17.48 0.54
CA ARG B 390 4.71 -16.09 0.26
C ARG B 390 6.21 -16.01 -0.07
N GLY B 391 6.54 -15.40 -1.20
CA GLY B 391 7.93 -15.29 -1.66
C GLY B 391 8.75 -14.39 -0.78
N VAL B 392 10.01 -14.17 -1.17
CA VAL B 392 10.88 -13.25 -0.42
C VAL B 392 10.26 -11.85 -0.13
N ASP B 393 9.31 -11.40 -0.96
CA ASP B 393 8.61 -10.12 -0.75
C ASP B 393 7.31 -10.20 0.02
N LEU B 394 7.04 -11.37 0.63
CA LEU B 394 5.78 -11.71 1.30
C LEU B 394 4.56 -11.49 0.42
N GLN B 395 4.65 -12.03 -0.78
CA GLN B 395 3.61 -12.00 -1.76
C GLN B 395 3.45 -13.38 -2.33
N PRO B 396 2.20 -13.86 -2.34
CA PRO B 396 1.88 -15.22 -2.80
C PRO B 396 2.53 -15.46 -4.17
N MET B 397 3.54 -16.32 -4.22
CA MET B 397 4.27 -16.53 -5.46
C MET B 397 3.39 -17.04 -6.60
N ILE B 398 2.25 -17.62 -6.21
CA ILE B 398 1.29 -18.21 -7.15
C ILE B 398 0.75 -17.19 -8.16
N GLN B 399 0.55 -15.95 -7.71
CA GLN B 399 0.15 -14.84 -8.58
C GLN B 399 1.04 -14.68 -9.83
N THR B 400 2.25 -14.17 -9.62
CA THR B 400 3.27 -13.93 -10.66
C THR B 400 3.55 -15.17 -11.50
N PHE B 401 3.43 -16.33 -10.87
CA PHE B 401 3.58 -17.62 -11.56
C PHE B 401 2.55 -17.84 -12.65
N LEU B 402 1.30 -17.57 -12.31
CA LEU B 402 0.21 -17.77 -13.24
C LEU B 402 0.20 -16.64 -14.23
N ARG B 403 0.46 -15.43 -13.77
CA ARG B 403 0.44 -14.28 -14.65
C ARG B 403 1.40 -14.54 -15.78
N THR B 404 2.45 -15.30 -15.51
CA THR B 404 3.46 -15.59 -16.54
C THR B 404 3.12 -16.81 -17.38
N HIS B 405 2.32 -17.73 -16.85
CA HIS B 405 1.96 -18.92 -17.61
C HIS B 405 0.81 -18.62 -18.55
N TYR B 406 -0.05 -17.68 -18.17
CA TYR B 406 -1.22 -17.37 -18.95
C TYR B 406 -1.10 -16.04 -19.67
N GLY B 407 0.14 -15.65 -19.94
CA GLY B 407 0.42 -14.47 -20.74
C GLY B 407 0.11 -13.16 -20.05
N GLU B 408 -1.17 -12.81 -19.95
CA GLU B 408 -1.55 -11.57 -19.25
C GLU B 408 -1.89 -11.82 -17.76
N ALA B 409 -2.27 -10.73 -17.08
CA ALA B 409 -2.85 -10.80 -15.72
C ALA B 409 -4.20 -11.52 -15.79
N LEU B 410 -4.54 -12.23 -14.70
CA LEU B 410 -5.69 -13.16 -14.67
C LEU B 410 -6.96 -12.58 -14.04
N ASP B 411 -8.05 -12.47 -14.84
CA ASP B 411 -9.35 -12.05 -14.31
C ASP B 411 -9.83 -13.03 -13.24
N ASP B 412 -10.76 -12.59 -12.41
CA ASP B 412 -11.37 -13.47 -11.43
C ASP B 412 -11.74 -14.83 -12.04
N ASN B 413 -12.53 -14.83 -13.11
CA ASN B 413 -12.98 -16.08 -13.68
C ASN B 413 -11.84 -17.06 -13.98
N ALA B 414 -10.70 -16.56 -14.45
CA ALA B 414 -9.56 -17.45 -14.66
C ALA B 414 -9.14 -18.08 -13.34
N LEU B 415 -8.92 -17.26 -12.30
CA LEU B 415 -8.55 -17.76 -10.97
C LEU B 415 -9.52 -18.81 -10.42
N LEU B 416 -10.81 -18.58 -10.56
CA LEU B 416 -11.77 -19.57 -10.14
C LEU B 416 -11.68 -20.81 -11.02
N TYR B 417 -11.55 -20.61 -12.31
CA TYR B 417 -11.42 -21.76 -13.19
C TYR B 417 -10.21 -22.59 -12.74
N TRP B 418 -9.02 -21.96 -12.69
CA TRP B 418 -7.77 -22.57 -12.15
C TRP B 418 -8.03 -23.31 -10.85
N PHE B 419 -8.46 -22.58 -9.81
CA PHE B 419 -8.72 -23.17 -8.49
C PHE B 419 -9.55 -24.41 -8.58
N ASP B 420 -10.44 -24.38 -9.55
CA ASP B 420 -11.41 -25.42 -9.68
C ASP B 420 -10.82 -26.67 -10.28
N ASP B 421 -9.75 -26.54 -11.06
CA ASP B 421 -9.16 -27.72 -11.67
C ASP B 421 -8.33 -28.42 -10.66
N TYR B 422 -7.57 -27.60 -9.93
CA TYR B 422 -6.75 -28.00 -8.83
C TYR B 422 -7.53 -28.82 -7.85
N GLN B 423 -8.57 -28.24 -7.27
CA GLN B 423 -9.22 -28.88 -6.15
C GLN B 423 -9.93 -30.18 -6.51
N THR B 424 -10.40 -30.28 -7.76
CA THR B 424 -11.05 -31.50 -8.23
C THR B 424 -10.06 -32.68 -8.09
N ARG B 425 -8.79 -32.40 -8.34
CA ARG B 425 -7.71 -33.40 -8.31
C ARG B 425 -7.11 -33.71 -6.95
N LEU B 426 -7.35 -32.85 -5.98
CA LEU B 426 -6.99 -33.17 -4.64
C LEU B 426 -8.16 -33.87 -3.96
N LEU B 427 -9.37 -33.39 -4.23
CA LEU B 427 -10.53 -33.89 -3.49
C LEU B 427 -10.95 -35.29 -3.91
N ARG B 428 -11.14 -35.50 -5.22
CA ARG B 428 -11.46 -36.83 -5.77
C ARG B 428 -10.67 -37.99 -5.10
N PRO B 429 -9.32 -37.95 -5.17
CA PRO B 429 -8.50 -39.04 -4.65
C PRO B 429 -8.50 -39.23 -3.15
N VAL B 430 -8.34 -38.16 -2.40
CA VAL B 430 -8.29 -38.31 -0.93
C VAL B 430 -9.57 -38.93 -0.37
N LEU B 431 -10.68 -38.38 -0.86
CA LEU B 431 -12.00 -38.71 -0.40
C LEU B 431 -12.41 -40.09 -0.92
N SER B 432 -12.06 -40.42 -2.15
CA SER B 432 -12.32 -41.78 -2.61
C SER B 432 -11.57 -42.78 -1.75
N LEU B 433 -10.32 -42.49 -1.48
CA LEU B 433 -9.51 -43.36 -0.63
C LEU B 433 -10.13 -43.60 0.74
N PHE B 434 -10.67 -42.56 1.35
CA PHE B 434 -11.30 -42.73 2.64
C PHE B 434 -12.58 -43.56 2.52
N PHE B 435 -13.59 -42.98 1.90
CA PHE B 435 -14.89 -43.57 1.97
C PHE B 435 -15.00 -44.90 1.24
N ASN B 436 -14.23 -45.10 0.19
CA ASN B 436 -14.33 -46.37 -0.51
C ASN B 436 -13.48 -47.45 0.08
N HIS B 437 -12.49 -47.07 0.89
CA HIS B 437 -11.39 -47.99 1.21
C HIS B 437 -10.86 -47.93 2.61
N GLY B 438 -11.20 -46.85 3.30
CA GLY B 438 -10.77 -46.61 4.67
C GLY B 438 -9.29 -46.29 4.71
N VAL B 439 -8.74 -45.92 3.56
CA VAL B 439 -7.38 -45.41 3.53
C VAL B 439 -7.38 -43.94 3.89
N VAL B 440 -6.77 -43.63 5.04
CA VAL B 440 -6.59 -42.23 5.50
C VAL B 440 -5.25 -41.65 5.07
N MET B 441 -5.27 -40.67 4.17
CA MET B 441 -4.03 -39.99 3.78
C MET B 441 -3.77 -38.79 4.69
N GLU B 442 -2.61 -38.14 4.54
CA GLU B 442 -2.39 -36.92 5.29
C GLU B 442 -2.08 -35.93 4.23
N PRO B 443 -3.07 -35.47 3.45
CA PRO B 443 -2.79 -34.59 2.30
C PRO B 443 -2.68 -33.09 2.64
N HIS B 444 -1.81 -32.71 3.56
CA HIS B 444 -1.53 -31.30 3.80
C HIS B 444 -0.53 -30.81 2.76
N LEU B 445 -0.14 -29.56 2.86
CA LEU B 445 0.58 -28.92 1.78
C LEU B 445 1.92 -29.58 1.47
N GLN B 446 2.61 -30.09 2.51
CA GLN B 446 3.92 -30.74 2.28
C GLN B 446 3.76 -32.16 1.67
N ASN B 447 2.68 -32.86 1.97
CA ASN B 447 2.49 -34.15 1.35
C ASN B 447 1.84 -34.14 -0.04
N SER B 448 1.95 -33.01 -0.70
CA SER B 448 1.23 -32.78 -1.90
C SER B 448 2.11 -32.06 -2.88
N VAL B 449 2.19 -32.61 -4.10
CA VAL B 449 2.97 -32.02 -5.17
C VAL B 449 2.06 -31.80 -6.32
N LEU B 450 2.10 -30.61 -6.87
CA LEU B 450 1.31 -30.31 -8.02
C LEU B 450 2.07 -30.78 -9.26
N VAL B 451 1.38 -31.43 -10.21
CA VAL B 451 1.95 -31.67 -11.54
C VAL B 451 1.17 -30.87 -12.59
N HIS B 452 1.85 -30.11 -13.42
CA HIS B 452 1.11 -29.20 -14.26
C HIS B 452 1.59 -29.07 -15.69
N GLN B 453 0.66 -29.03 -16.62
CA GLN B 453 0.99 -28.68 -17.99
C GLN B 453 0.92 -27.16 -18.15
N GLN B 454 2.03 -26.50 -17.81
CA GLN B 454 2.18 -25.09 -18.05
C GLN B 454 1.06 -24.33 -17.35
N GLY B 455 1.06 -24.46 -16.02
CA GLY B 455 0.07 -23.84 -15.18
C GLY B 455 -1.21 -24.69 -15.04
N ARG B 456 -1.57 -25.40 -16.11
CA ARG B 456 -2.81 -26.16 -16.12
C ARG B 456 -2.62 -27.40 -15.25
N PRO B 457 -3.40 -27.50 -14.14
CA PRO B 457 -3.13 -28.57 -13.18
C PRO B 457 -3.41 -29.93 -13.78
N GLN B 458 -2.47 -30.86 -13.65
CA GLN B 458 -2.69 -32.19 -14.20
C GLN B 458 -3.00 -33.20 -13.09
N GLN B 459 -2.13 -33.31 -12.09
CA GLN B 459 -2.44 -34.15 -10.93
C GLN B 459 -2.07 -33.47 -9.68
N VAL B 460 -2.69 -33.86 -8.59
CA VAL B 460 -2.05 -33.54 -7.29
C VAL B 460 -1.45 -34.77 -6.63
N LEU B 461 -0.17 -34.99 -6.91
CA LEU B 461 0.53 -36.14 -6.36
C LEU B 461 0.57 -36.06 -4.85
N LEU B 462 0.22 -37.15 -4.22
CA LEU B 462 0.34 -37.24 -2.78
C LEU B 462 1.38 -38.29 -2.42
N ARG B 463 1.96 -38.12 -1.24
CA ARG B 463 3.05 -38.96 -0.79
C ARG B 463 3.04 -39.12 0.74
N ASP B 464 3.91 -40.01 1.22
CA ASP B 464 4.24 -40.14 2.63
C ASP B 464 3.43 -41.20 3.33
N PHE B 465 4.01 -42.39 3.48
CA PHE B 465 3.30 -43.51 4.06
C PHE B 465 3.28 -43.50 5.59
N GLU B 466 4.20 -42.73 6.16
CA GLU B 466 4.19 -42.51 7.58
C GLU B 466 2.79 -42.03 7.96
N GLY B 467 2.25 -41.13 7.14
CA GLY B 467 1.03 -40.43 7.50
C GLY B 467 -0.21 -41.26 7.28
N VAL B 468 -0.05 -42.31 6.48
CA VAL B 468 -1.19 -43.13 6.06
C VAL B 468 -1.59 -44.08 7.19
N LYS B 469 -2.84 -43.93 7.63
CA LYS B 469 -3.48 -44.75 8.63
C LYS B 469 -4.65 -45.47 7.99
N LEU B 470 -5.24 -46.42 8.72
CA LEU B 470 -6.27 -47.29 8.19
C LEU B 470 -7.46 -47.42 9.14
N THR B 471 -8.68 -47.20 8.63
CA THR B 471 -9.86 -47.15 9.49
C THR B 471 -10.18 -48.52 10.02
N ASP B 472 -10.67 -48.56 11.25
CA ASP B 472 -10.99 -49.81 11.95
C ASP B 472 -12.16 -50.54 11.32
N ASP B 473 -13.06 -49.79 10.73
CA ASP B 473 -14.27 -50.39 10.14
C ASP B 473 -14.04 -50.91 8.70
N LEU B 474 -13.03 -50.37 8.03
CA LEU B 474 -12.79 -50.66 6.62
C LEU B 474 -11.32 -50.82 6.27
N GLY B 475 -10.62 -49.69 6.14
CA GLY B 475 -9.20 -49.66 5.76
C GLY B 475 -8.38 -50.80 6.32
N ILE B 476 -8.63 -51.16 7.58
CA ILE B 476 -7.85 -52.21 8.21
C ILE B 476 -7.99 -53.57 7.52
N ARG B 477 -9.12 -53.79 6.83
CA ARG B 477 -9.40 -55.10 6.16
C ARG B 477 -8.30 -55.50 5.17
N TYR B 478 -7.51 -54.53 4.73
CA TYR B 478 -6.45 -54.77 3.78
C TYR B 478 -5.18 -55.32 4.45
N ILE B 479 -5.21 -55.45 5.76
CA ILE B 479 -4.09 -56.01 6.46
C ILE B 479 -4.06 -57.54 6.33
N ASP B 480 -3.04 -58.01 5.63
CA ASP B 480 -2.68 -59.42 5.58
C ASP B 480 -2.20 -59.93 6.95
N ASP B 481 -3.13 -60.41 7.76
CA ASP B 481 -2.78 -61.43 8.73
C ASP B 481 -1.60 -61.14 9.69
N ASP B 482 -0.72 -62.15 9.70
CA ASP B 482 0.66 -62.12 10.21
C ASP B 482 1.42 -60.79 10.34
N ILE B 483 0.79 -59.77 10.95
CA ILE B 483 1.45 -58.50 11.18
C ILE B 483 1.68 -58.32 12.67
N HIS B 484 2.79 -57.69 13.04
CA HIS B 484 3.05 -57.44 14.46
C HIS B 484 1.99 -56.53 15.08
N PRO B 485 1.43 -56.90 16.25
CA PRO B 485 0.37 -56.10 16.86
C PRO B 485 0.77 -54.65 17.11
N ARG B 486 2.06 -54.40 17.19
CA ARG B 486 2.56 -53.05 17.38
C ARG B 486 2.43 -52.25 16.10
N VAL B 487 2.61 -52.94 14.99
CA VAL B 487 2.57 -52.30 13.70
C VAL B 487 1.14 -52.05 13.34
N ARG B 488 0.32 -53.07 13.47
CA ARG B 488 -1.12 -52.95 13.31
C ARG B 488 -1.64 -51.73 14.08
N GLN B 489 -1.04 -51.48 15.23
CA GLN B 489 -1.51 -50.43 16.10
C GLN B 489 -1.14 -49.07 15.62
N SER B 490 -0.01 -48.96 14.93
CA SER B 490 0.40 -47.70 14.36
C SER B 490 -0.48 -47.29 13.18
N LEU B 491 -1.04 -48.28 12.49
CA LEU B 491 -1.85 -48.01 11.28
C LEU B 491 -3.28 -47.71 11.64
N LEU B 492 -3.66 -48.06 12.86
CA LEU B 492 -5.07 -48.12 13.17
C LEU B 492 -5.57 -46.76 13.61
N TYR B 493 -6.45 -46.22 12.78
CA TYR B 493 -7.25 -45.10 13.16
C TYR B 493 -8.72 -45.51 13.32
N SER B 494 -9.33 -44.99 14.39
CA SER B 494 -10.78 -44.95 14.49
C SER B 494 -11.24 -44.16 13.29
N ARG B 495 -12.49 -44.35 12.88
CA ARG B 495 -13.01 -43.59 11.75
C ARG B 495 -13.19 -42.11 12.08
N GLU B 496 -13.45 -41.83 13.34
CA GLU B 496 -13.61 -40.46 13.79
C GLU B 496 -12.24 -39.80 13.93
N GLN B 497 -11.30 -40.46 14.60
CA GLN B 497 -9.93 -39.94 14.61
C GLN B 497 -9.53 -39.62 13.19
N GLY B 498 -9.92 -40.53 12.27
CA GLY B 498 -9.42 -40.57 10.91
C GLY B 498 -10.04 -39.50 10.04
N TRP B 499 -11.35 -39.37 10.12
CA TRP B 499 -12.06 -38.31 9.39
C TRP B 499 -11.59 -36.92 9.85
N ASN B 500 -11.22 -36.82 11.11
CA ASN B 500 -10.66 -35.60 11.61
C ASN B 500 -9.42 -35.19 10.81
N ARG B 501 -8.50 -36.11 10.58
CA ARG B 501 -7.33 -35.72 9.83
C ARG B 501 -7.71 -35.37 8.39
N ILE B 502 -8.46 -36.22 7.71
CA ILE B 502 -8.76 -35.90 6.33
C ILE B 502 -9.32 -34.50 6.22
N MET B 503 -10.12 -34.10 7.23
CA MET B 503 -10.79 -32.78 7.32
C MET B 503 -9.83 -31.62 7.55
N TYR B 504 -9.04 -31.72 8.62
CA TYR B 504 -8.04 -30.70 8.87
C TYR B 504 -7.14 -30.56 7.65
N CYS B 505 -6.75 -31.70 7.09
CA CYS B 505 -5.73 -31.70 6.05
C CYS B 505 -6.18 -31.08 4.74
N LEU B 506 -7.24 -31.59 4.14
CA LEU B 506 -7.81 -31.03 2.92
C LEU B 506 -8.20 -29.56 3.09
N PHE B 507 -8.85 -29.25 4.20
CA PHE B 507 -9.61 -28.02 4.22
C PHE B 507 -8.90 -26.92 4.94
N ILE B 508 -8.41 -27.18 6.15
CA ILE B 508 -7.87 -26.11 6.99
C ILE B 508 -6.35 -25.86 6.81
N ASN B 509 -5.61 -26.92 6.50
CA ASN B 509 -4.19 -26.81 6.22
C ASN B 509 -4.00 -26.56 4.71
N HIS B 510 -4.84 -27.16 3.86
CA HIS B 510 -4.51 -27.17 2.45
C HIS B 510 -5.24 -26.16 1.55
N LEU B 511 -6.56 -26.32 1.42
CA LEU B 511 -7.31 -25.42 0.55
C LEU B 511 -7.52 -24.02 1.16
N SER B 512 -7.78 -23.91 2.46
CA SER B 512 -7.96 -22.56 3.05
C SER B 512 -6.83 -21.68 2.55
N GLU B 513 -5.62 -22.27 2.57
CA GLU B 513 -4.37 -21.71 2.09
C GLU B 513 -4.27 -21.54 0.57
N THR B 514 -4.62 -22.57 -0.19
CA THR B 514 -4.77 -22.40 -1.65
C THR B 514 -5.59 -21.14 -1.96
N ILE B 515 -6.75 -21.07 -1.29
CA ILE B 515 -7.66 -19.95 -1.40
C ILE B 515 -6.94 -18.66 -1.00
N LEU B 516 -6.68 -18.47 0.29
CA LEU B 516 -5.91 -17.28 0.74
C LEU B 516 -4.77 -16.83 -0.21
N ALA B 517 -4.16 -17.76 -0.94
CA ALA B 517 -3.04 -17.39 -1.76
C ALA B 517 -3.56 -16.78 -3.06
N LEU B 518 -4.53 -17.42 -3.71
CA LEU B 518 -5.12 -16.90 -4.94
C LEU B 518 -5.93 -15.62 -4.70
N SER B 519 -6.54 -15.55 -3.53
CA SER B 519 -7.52 -14.49 -3.23
C SER B 519 -6.92 -13.28 -2.55
N GLN B 520 -5.60 -13.30 -2.33
CA GLN B 520 -4.87 -12.15 -1.80
C GLN B 520 -5.11 -10.96 -2.75
N GLY B 521 -5.47 -9.83 -2.19
CA GLY B 521 -5.85 -8.72 -3.06
C GLY B 521 -7.29 -8.76 -3.52
N ARG B 522 -7.95 -9.93 -3.50
CA ARG B 522 -9.30 -10.07 -4.05
C ARG B 522 -10.21 -10.92 -3.16
N PRO B 523 -10.35 -10.56 -1.88
CA PRO B 523 -10.96 -11.47 -0.92
C PRO B 523 -12.34 -11.91 -1.34
N GLN B 524 -13.07 -11.07 -2.07
CA GLN B 524 -14.44 -11.48 -2.44
C GLN B 524 -14.43 -12.83 -3.15
N LEU B 525 -13.26 -13.19 -3.71
CA LEU B 525 -13.06 -14.51 -4.33
C LEU B 525 -13.14 -15.70 -3.35
N ALA B 526 -12.69 -15.48 -2.11
CA ALA B 526 -12.78 -16.48 -1.04
C ALA B 526 -14.13 -17.21 -1.00
N PRO B 527 -15.22 -16.53 -0.59
CA PRO B 527 -16.50 -17.25 -0.51
C PRO B 527 -16.88 -18.00 -1.81
N LEU B 528 -16.73 -17.34 -2.95
CA LEU B 528 -17.03 -17.98 -4.22
C LEU B 528 -16.36 -19.33 -4.35
N MET B 529 -15.03 -19.33 -4.17
CA MET B 529 -14.23 -20.55 -4.23
C MET B 529 -14.76 -21.61 -3.26
N TRP B 530 -14.94 -21.29 -1.98
CA TRP B 530 -15.51 -22.23 -1.02
C TRP B 530 -16.84 -22.79 -1.50
N ARG B 531 -17.68 -21.98 -2.16
CA ARG B 531 -18.91 -22.53 -2.74
C ARG B 531 -18.57 -23.56 -3.81
N ARG B 532 -17.58 -23.23 -4.64
CA ARG B 532 -17.13 -24.20 -5.62
C ARG B 532 -16.49 -25.42 -4.99
N VAL B 533 -15.93 -25.28 -3.77
CA VAL B 533 -15.51 -26.45 -2.97
C VAL B 533 -16.73 -27.33 -2.68
N GLN B 534 -17.79 -26.69 -2.20
CA GLN B 534 -18.93 -27.41 -1.68
C GLN B 534 -19.76 -28.13 -2.73
N GLN B 535 -19.69 -27.66 -3.98
CA GLN B 535 -20.35 -28.36 -5.10
C GLN B 535 -19.60 -29.64 -5.40
N GLN B 536 -18.29 -29.52 -5.55
CA GLN B 536 -17.42 -30.68 -5.76
C GLN B 536 -17.58 -31.74 -4.68
N LEU B 537 -17.59 -31.32 -3.42
CA LEU B 537 -17.88 -32.22 -2.33
C LEU B 537 -19.16 -32.99 -2.57
N ARG B 538 -20.15 -32.35 -3.16
CA ARG B 538 -21.42 -32.99 -3.47
C ARG B 538 -21.35 -33.91 -4.70
N ALA B 539 -20.80 -33.41 -5.80
CA ALA B 539 -20.62 -34.23 -7.00
C ALA B 539 -19.77 -35.49 -6.70
N ILE B 540 -18.66 -35.30 -5.98
CA ILE B 540 -17.79 -36.39 -5.52
C ILE B 540 -18.54 -37.40 -4.64
N GLN B 541 -19.34 -36.91 -3.70
CA GLN B 541 -20.17 -37.80 -2.89
C GLN B 541 -21.07 -38.68 -3.75
N GLY B 542 -21.81 -38.03 -4.65
CA GLY B 542 -22.67 -38.73 -5.59
C GLY B 542 -21.93 -39.88 -6.26
N GLU B 543 -20.62 -39.71 -6.42
CA GLU B 543 -19.78 -40.68 -7.12
C GLU B 543 -19.35 -41.87 -6.25
N LEU B 544 -19.19 -41.61 -4.95
CA LEU B 544 -18.76 -42.60 -3.95
C LEU B 544 -19.46 -43.97 -4.07
N LYS B 545 -18.79 -45.02 -3.64
CA LYS B 545 -19.42 -46.32 -3.63
C LYS B 545 -19.52 -46.94 -2.23
N GLN B 546 -19.65 -46.08 -1.23
CA GLN B 546 -19.81 -46.48 0.17
C GLN B 546 -20.48 -45.34 0.92
N PRO B 547 -21.16 -45.67 2.05
CA PRO B 547 -21.75 -44.64 2.91
C PRO B 547 -20.77 -43.56 3.37
N SER B 548 -21.30 -42.37 3.63
CA SER B 548 -20.47 -41.18 3.88
C SER B 548 -21.10 -40.11 4.78
N PRO B 549 -21.70 -40.49 5.93
CA PRO B 549 -22.37 -39.52 6.82
C PRO B 549 -21.54 -38.25 7.04
N GLU B 550 -20.29 -38.42 7.48
CA GLU B 550 -19.43 -37.31 7.86
C GLU B 550 -19.22 -36.33 6.71
N LEU B 551 -19.38 -36.83 5.48
CA LEU B 551 -19.40 -35.99 4.29
C LEU B 551 -20.69 -35.16 4.20
N ASP B 552 -21.84 -35.81 4.34
CA ASP B 552 -23.11 -35.09 4.35
C ASP B 552 -23.09 -34.01 5.44
N ALA B 553 -22.59 -34.38 6.62
CA ALA B 553 -22.47 -33.47 7.75
C ALA B 553 -21.81 -32.23 7.23
N LEU B 554 -20.62 -32.43 6.67
CA LEU B 554 -19.79 -31.35 6.18
C LEU B 554 -20.50 -30.52 5.12
N ILE B 555 -21.02 -31.19 4.09
CA ILE B 555 -21.68 -30.48 3.00
C ILE B 555 -22.73 -29.55 3.57
N ALA B 556 -23.55 -30.09 4.45
CA ALA B 556 -24.52 -29.29 5.19
C ALA B 556 -23.92 -28.32 6.24
N GLY B 557 -22.65 -27.93 6.11
CA GLY B 557 -22.15 -26.82 6.91
C GLY B 557 -21.78 -27.07 8.36
N HIS B 558 -21.80 -28.34 8.78
CA HIS B 558 -21.28 -28.70 10.11
C HIS B 558 -19.81 -28.29 10.31
N PRO B 559 -19.45 -27.96 11.57
CA PRO B 559 -18.11 -27.49 11.91
C PRO B 559 -17.00 -28.43 11.46
N VAL B 560 -15.83 -27.84 11.21
CA VAL B 560 -14.70 -28.53 10.62
C VAL B 560 -13.55 -28.75 11.60
N ALA B 561 -13.07 -29.99 11.68
CA ALA B 561 -11.94 -30.36 12.53
C ALA B 561 -10.64 -29.67 12.14
N CYS B 562 -9.84 -29.32 13.15
CA CYS B 562 -8.68 -28.49 12.95
C CYS B 562 -7.54 -28.83 13.94
N LYS B 563 -6.48 -29.46 13.43
CA LYS B 563 -5.32 -29.83 14.25
C LYS B 563 -4.76 -28.61 14.92
N THR B 564 -4.31 -28.77 16.16
CA THR B 564 -3.81 -27.64 16.92
C THR B 564 -2.30 -27.71 17.20
N ASN B 565 -1.49 -27.23 16.26
CA ASN B 565 -0.04 -27.16 16.44
C ASN B 565 0.46 -26.48 17.71
N LEU B 566 0.08 -25.23 17.94
CA LEU B 566 0.59 -24.47 19.10
C LEU B 566 0.13 -25.08 20.42
N LYS B 567 -1.16 -25.39 20.48
CA LYS B 567 -1.79 -25.95 21.66
C LYS B 567 -1.09 -27.23 22.09
N VAL B 568 -0.72 -28.10 21.14
CA VAL B 568 0.09 -29.30 21.42
C VAL B 568 1.38 -28.99 22.19
N ARG B 569 2.17 -28.06 21.65
CA ARG B 569 3.47 -27.72 22.18
C ARG B 569 3.39 -27.09 23.58
N LEU B 570 2.31 -26.36 23.85
CA LEU B 570 2.13 -25.72 25.16
C LEU B 570 1.77 -26.80 26.14
N ALA B 571 0.77 -27.57 25.72
CA ALA B 571 0.34 -28.87 26.24
C ALA B 571 1.51 -29.81 26.48
N ALA B 572 2.62 -29.52 25.74
CA ALA B 572 3.98 -30.12 25.84
C ALA B 572 4.25 -31.41 25.06
N ARG B 576 2.14 -37.10 21.01
CA ARG B 576 1.09 -36.31 20.28
C ARG B 576 -0.35 -36.88 20.10
N GLN B 577 -0.69 -37.47 18.94
CA GLN B 577 -2.12 -37.63 18.52
C GLN B 577 -2.94 -36.42 18.99
N ALA B 578 -2.57 -35.28 18.42
CA ALA B 578 -2.84 -33.93 18.93
C ALA B 578 -4.31 -33.57 19.13
N SER B 579 -4.53 -32.44 19.80
CA SER B 579 -5.89 -31.93 20.06
C SER B 579 -6.46 -31.24 18.82
N TYR B 580 -7.69 -31.60 18.48
CA TYR B 580 -8.38 -31.00 17.35
C TYR B 580 -9.41 -30.05 17.93
N VAL B 581 -9.42 -28.81 17.46
CA VAL B 581 -10.53 -27.89 17.77
C VAL B 581 -11.51 -27.88 16.61
N ARG B 582 -12.67 -27.28 16.84
CA ARG B 582 -13.75 -27.19 15.84
C ARG B 582 -13.89 -25.76 15.30
N LEU B 583 -13.77 -25.61 13.98
CA LEU B 583 -13.98 -24.29 13.36
C LEU B 583 -15.21 -24.29 12.46
N PRO B 584 -16.03 -23.24 12.55
CA PRO B 584 -17.23 -23.12 11.74
C PRO B 584 -16.97 -23.22 10.24
N SER B 585 -17.87 -23.89 9.53
CA SER B 585 -17.72 -24.09 8.09
C SER B 585 -17.63 -22.74 7.40
N PRO B 586 -17.06 -22.69 6.18
CA PRO B 586 -17.26 -21.49 5.38
C PRO B 586 -18.56 -21.52 4.53
N TRP B 587 -19.52 -22.37 4.91
CA TRP B 587 -20.83 -22.40 4.24
C TRP B 587 -21.95 -23.07 5.05
#